data_4ARD
# 
_entry.id   4ARD 
# 
_audit_conform.dict_name       mmcif_pdbx.dic 
_audit_conform.dict_version    5.391 
_audit_conform.dict_location   http://mmcif.pdb.org/dictionaries/ascii/mmcif_pdbx.dic 
# 
loop_
_database_2.database_id 
_database_2.database_code 
_database_2.pdbx_database_accession 
_database_2.pdbx_DOI 
PDB   4ARD         pdb_00004ard 10.2210/pdb4ard/pdb 
PDBE  EBI-52175    ?            ?                   
WWPDB D_1290052175 ?            ?                   
# 
loop_
_pdbx_audit_revision_history.ordinal 
_pdbx_audit_revision_history.data_content_type 
_pdbx_audit_revision_history.major_revision 
_pdbx_audit_revision_history.minor_revision 
_pdbx_audit_revision_history.revision_date 
1 'Structure model' 1 0 2012-05-30 
2 'Structure model' 1 1 2012-08-01 
3 'Structure model' 1 2 2017-04-19 
4 'Structure model' 1 3 2017-08-30 
5 'Structure model' 1 4 2019-04-24 
6 'Structure model' 1 5 2024-05-08 
# 
_pdbx_audit_revision_details.ordinal             1 
_pdbx_audit_revision_details.revision_ordinal    1 
_pdbx_audit_revision_details.data_content_type   'Structure model' 
_pdbx_audit_revision_details.provider            repository 
_pdbx_audit_revision_details.type                'Initial release' 
_pdbx_audit_revision_details.description         ? 
_pdbx_audit_revision_details.details             ? 
# 
loop_
_pdbx_audit_revision_group.ordinal 
_pdbx_audit_revision_group.revision_ordinal 
_pdbx_audit_revision_group.data_content_type 
_pdbx_audit_revision_group.group 
1 2 'Structure model' 'Database references'    
2 3 'Structure model' Other                    
3 4 'Structure model' 'Data collection'        
4 5 'Structure model' 'Data collection'        
5 5 'Structure model' Other                    
6 6 'Structure model' 'Data collection'        
7 6 'Structure model' 'Database references'    
8 6 'Structure model' 'Refinement description' 
# 
loop_
_pdbx_audit_revision_category.ordinal 
_pdbx_audit_revision_category.revision_ordinal 
_pdbx_audit_revision_category.data_content_type 
_pdbx_audit_revision_category.category 
1  4 'Structure model' em_software                   
2  5 'Structure model' atom_sites                    
3  5 'Structure model' cell                          
4  5 'Structure model' database_PDB_rev              
5  5 'Structure model' database_PDB_rev_record       
6  6 'Structure model' chem_comp_atom                
7  6 'Structure model' chem_comp_bond                
8  6 'Structure model' database_2                    
9  6 'Structure model' em_3d_fitting_list            
10 6 'Structure model' pdbx_initial_refinement_model 
# 
loop_
_pdbx_audit_revision_item.ordinal 
_pdbx_audit_revision_item.revision_ordinal 
_pdbx_audit_revision_item.data_content_type 
_pdbx_audit_revision_item.item 
1  4 'Structure model' '_em_software.fitting_id'                         
2  4 'Structure model' '_em_software.image_processing_id'                
3  5 'Structure model' '_atom_sites.fract_transf_matrix[1][1]'           
4  5 'Structure model' '_atom_sites.fract_transf_matrix[1][2]'           
5  5 'Structure model' '_cell.angle_alpha'                               
6  5 'Structure model' '_cell.angle_beta'                                
7  5 'Structure model' '_cell.angle_gamma'                               
8  6 'Structure model' '_database_2.pdbx_DOI'                            
9  6 'Structure model' '_database_2.pdbx_database_accession'             
10 6 'Structure model' '_em_3d_fitting_list.accession_code'              
11 6 'Structure model' '_em_3d_fitting_list.initial_refinement_model_id' 
12 6 'Structure model' '_em_3d_fitting_list.source_name'                 
13 6 'Structure model' '_em_3d_fitting_list.type'                        
# 
_pdbx_database_status.status_code                     REL 
_pdbx_database_status.entry_id                        4ARD 
_pdbx_database_status.deposit_site                    PDBE 
_pdbx_database_status.process_site                    PDBE 
_pdbx_database_status.SG_entry                        . 
_pdbx_database_status.recvd_initial_deposition_date   2012-04-23 
_pdbx_database_status.pdb_format_compatible           Y 
_pdbx_database_status.status_code_sf                  ? 
_pdbx_database_status.status_code_mr                  ? 
_pdbx_database_status.status_code_cs                  ? 
_pdbx_database_status.methods_development_category    ? 
_pdbx_database_status.status_code_nmr_data            ? 
# 
loop_
_pdbx_database_related.db_name 
_pdbx_database_related.db_id 
_pdbx_database_related.content_type 
_pdbx_database_related.details 
PDB  1BAX     unspecified            'MASON-PFIZER MONKEY VIRUS MATRIX PROTEIN, NMR, AVERAGE STRUCTURE'                         
PDB  1CL4     unspecified            'NUCLEOCAPSID PROTEIN FROM MASON-PFIZER MONKEY VIRUS (MPMV)'                               
PDB  4ARG     unspecified            'STRUCTURE OF THE IMMATURE RETROVIRAL CAPSID AT 8A RESOLUTION BY CRYO-ELECTRON MICROSCOPY' 
EMDB EMD-2090 'associated EM volume' 'STRUCTURE OF THE IMMATURE RETROVIRAL CAPSID AT 8A RESOLUTION BY CRYO-ELECTRON MICROSCOPY' 
EMDB EMD-2089 'other EM volume'      .                                                                                          
# 
loop_
_audit_author.name 
_audit_author.pdbx_ordinal 
'Bharat, T.A.M.' 1 
'Davey, N.E.'    2 
'Ulbrich, P.'    3 
'Riches, J.D.'   4 
'Marco, A.D.'    5 
'Rumlova, M.'    6 
'Sachse, C.'     7 
'Ruml, T.'       8 
'Briggs, J.A.G.' 9 
# 
_citation.id                        primary 
_citation.title                     'Structure of the Immature Retroviral Capsid at 8A Resolution by Cryo-Electron Microscopy.' 
_citation.journal_abbrev            Nature 
_citation.journal_volume            487 
_citation.page_first                385 
_citation.page_last                 ? 
_citation.year                      2012 
_citation.journal_id_ASTM           NATUAS 
_citation.country                   UK 
_citation.journal_id_ISSN           0028-0836 
_citation.journal_id_CSD            0006 
_citation.book_publisher            ? 
_citation.pdbx_database_id_PubMed   22722831 
_citation.pdbx_database_id_DOI      10.1038/NATURE11169 
# 
loop_
_citation_author.citation_id 
_citation_author.name 
_citation_author.ordinal 
_citation_author.identifier_ORCID 
primary 'Bharat, T.A.M.' 1 ? 
primary 'Davey, N.E.'    2 ? 
primary 'Ulbrich, P.'    3 ? 
primary 'Riches, J.D.'   4 ? 
primary 'Marco, A.D.'    5 ? 
primary 'Rumlova, M.'    6 ? 
primary 'Sachse, C.'     7 ? 
primary 'Ruml, T.'       8 ? 
primary 'Briggs, J.A.G.' 9 ? 
# 
_entity.id                         1 
_entity.type                       polymer 
_entity.src_method                 man 
_entity.pdbx_description           'CAPSID PROTEIN P27' 
_entity.formula_weight             12885.230 
_entity.pdbx_number_of_molecules   2 
_entity.pdbx_ec                    ? 
_entity.pdbx_mutation              ? 
_entity.pdbx_fragment              'M-PMV CA-NTD, RESIDUES 318-433' 
_entity.details                    ? 
# 
_entity_name_com.entity_id   1 
_entity_name_com.name        'M-PMV DPRO CANC PROTEIN' 
# 
_entity_poly.entity_id                      1 
_entity_poly.type                           'polypeptide(L)' 
_entity_poly.nstd_linkage                   no 
_entity_poly.nstd_monomer                   no 
_entity_poly.pdbx_seq_one_letter_code       
;FDFAVIKELKTAASQYGATAPYTLAIVESVADNWLTPTDWNTLVRAVLSGGDHLLWKSEFFENCRDTAKRNQQAGNGWDF
DMLTGSGNYSSTDAQMQYDPGLFAQIQAAATKAWRK
;
_entity_poly.pdbx_seq_one_letter_code_can   
;FDFAVIKELKTAASQYGATAPYTLAIVESVADNWLTPTDWNTLVRAVLSGGDHLLWKSEFFENCRDTAKRNQQAGNGWDF
DMLTGSGNYSSTDAQMQYDPGLFAQIQAAATKAWRK
;
_entity_poly.pdbx_strand_id                 A,B 
_entity_poly.pdbx_target_identifier         ? 
# 
loop_
_entity_poly_seq.entity_id 
_entity_poly_seq.num 
_entity_poly_seq.mon_id 
_entity_poly_seq.hetero 
1 1   PHE n 
1 2   ASP n 
1 3   PHE n 
1 4   ALA n 
1 5   VAL n 
1 6   ILE n 
1 7   LYS n 
1 8   GLU n 
1 9   LEU n 
1 10  LYS n 
1 11  THR n 
1 12  ALA n 
1 13  ALA n 
1 14  SER n 
1 15  GLN n 
1 16  TYR n 
1 17  GLY n 
1 18  ALA n 
1 19  THR n 
1 20  ALA n 
1 21  PRO n 
1 22  TYR n 
1 23  THR n 
1 24  LEU n 
1 25  ALA n 
1 26  ILE n 
1 27  VAL n 
1 28  GLU n 
1 29  SER n 
1 30  VAL n 
1 31  ALA n 
1 32  ASP n 
1 33  ASN n 
1 34  TRP n 
1 35  LEU n 
1 36  THR n 
1 37  PRO n 
1 38  THR n 
1 39  ASP n 
1 40  TRP n 
1 41  ASN n 
1 42  THR n 
1 43  LEU n 
1 44  VAL n 
1 45  ARG n 
1 46  ALA n 
1 47  VAL n 
1 48  LEU n 
1 49  SER n 
1 50  GLY n 
1 51  GLY n 
1 52  ASP n 
1 53  HIS n 
1 54  LEU n 
1 55  LEU n 
1 56  TRP n 
1 57  LYS n 
1 58  SER n 
1 59  GLU n 
1 60  PHE n 
1 61  PHE n 
1 62  GLU n 
1 63  ASN n 
1 64  CYS n 
1 65  ARG n 
1 66  ASP n 
1 67  THR n 
1 68  ALA n 
1 69  LYS n 
1 70  ARG n 
1 71  ASN n 
1 72  GLN n 
1 73  GLN n 
1 74  ALA n 
1 75  GLY n 
1 76  ASN n 
1 77  GLY n 
1 78  TRP n 
1 79  ASP n 
1 80  PHE n 
1 81  ASP n 
1 82  MET n 
1 83  LEU n 
1 84  THR n 
1 85  GLY n 
1 86  SER n 
1 87  GLY n 
1 88  ASN n 
1 89  TYR n 
1 90  SER n 
1 91  SER n 
1 92  THR n 
1 93  ASP n 
1 94  ALA n 
1 95  GLN n 
1 96  MET n 
1 97  GLN n 
1 98  TYR n 
1 99  ASP n 
1 100 PRO n 
1 101 GLY n 
1 102 LEU n 
1 103 PHE n 
1 104 ALA n 
1 105 GLN n 
1 106 ILE n 
1 107 GLN n 
1 108 ALA n 
1 109 ALA n 
1 110 ALA n 
1 111 THR n 
1 112 LYS n 
1 113 ALA n 
1 114 TRP n 
1 115 ARG n 
1 116 LYS n 
# 
_entity_src_gen.entity_id                          1 
_entity_src_gen.pdbx_src_id                        1 
_entity_src_gen.pdbx_alt_source_flag               sample 
_entity_src_gen.pdbx_seq_type                      ? 
_entity_src_gen.pdbx_beg_seq_num                   ? 
_entity_src_gen.pdbx_end_seq_num                   ? 
_entity_src_gen.gene_src_common_name               ? 
_entity_src_gen.gene_src_genus                     ? 
_entity_src_gen.pdbx_gene_src_gene                 ? 
_entity_src_gen.gene_src_species                   ? 
_entity_src_gen.gene_src_strain                    ? 
_entity_src_gen.gene_src_tissue                    ? 
_entity_src_gen.gene_src_tissue_fraction           ? 
_entity_src_gen.gene_src_details                   ? 
_entity_src_gen.pdbx_gene_src_fragment             ? 
_entity_src_gen.pdbx_gene_src_scientific_name      'MASON-PFIZER MONKEY VIRUS' 
_entity_src_gen.pdbx_gene_src_ncbi_taxonomy_id     11855 
_entity_src_gen.pdbx_gene_src_variant              ? 
_entity_src_gen.pdbx_gene_src_cell_line            ? 
_entity_src_gen.pdbx_gene_src_atcc                 ? 
_entity_src_gen.pdbx_gene_src_organ                ? 
_entity_src_gen.pdbx_gene_src_organelle            ? 
_entity_src_gen.pdbx_gene_src_cell                 ? 
_entity_src_gen.pdbx_gene_src_cellular_location    ? 
_entity_src_gen.host_org_common_name               ? 
_entity_src_gen.pdbx_host_org_scientific_name      'ESCHERICHIA COLI' 
_entity_src_gen.pdbx_host_org_ncbi_taxonomy_id     562 
_entity_src_gen.host_org_genus                     ? 
_entity_src_gen.pdbx_host_org_gene                 ? 
_entity_src_gen.pdbx_host_org_organ                ? 
_entity_src_gen.host_org_species                   ? 
_entity_src_gen.pdbx_host_org_tissue               ? 
_entity_src_gen.pdbx_host_org_tissue_fraction      ? 
_entity_src_gen.pdbx_host_org_strain               ? 
_entity_src_gen.pdbx_host_org_variant              ? 
_entity_src_gen.pdbx_host_org_cell_line            ? 
_entity_src_gen.pdbx_host_org_atcc                 ? 
_entity_src_gen.pdbx_host_org_culture_collection   ? 
_entity_src_gen.pdbx_host_org_cell                 ? 
_entity_src_gen.pdbx_host_org_organelle            ? 
_entity_src_gen.pdbx_host_org_cellular_location    ? 
_entity_src_gen.pdbx_host_org_vector_type          ? 
_entity_src_gen.pdbx_host_org_vector               ? 
_entity_src_gen.host_org_details                   ? 
_entity_src_gen.expression_system_id               ? 
_entity_src_gen.plasmid_name                       ? 
_entity_src_gen.plasmid_details                    ? 
_entity_src_gen.pdbx_description                   ? 
# 
loop_
_chem_comp.id 
_chem_comp.type 
_chem_comp.mon_nstd_flag 
_chem_comp.name 
_chem_comp.pdbx_synonyms 
_chem_comp.formula 
_chem_comp.formula_weight 
ALA 'L-peptide linking' y ALANINE         ? 'C3 H7 N O2'     89.093  
ARG 'L-peptide linking' y ARGININE        ? 'C6 H15 N4 O2 1' 175.209 
ASN 'L-peptide linking' y ASPARAGINE      ? 'C4 H8 N2 O3'    132.118 
ASP 'L-peptide linking' y 'ASPARTIC ACID' ? 'C4 H7 N O4'     133.103 
CYS 'L-peptide linking' y CYSTEINE        ? 'C3 H7 N O2 S'   121.158 
GLN 'L-peptide linking' y GLUTAMINE       ? 'C5 H10 N2 O3'   146.144 
GLU 'L-peptide linking' y 'GLUTAMIC ACID' ? 'C5 H9 N O4'     147.129 
GLY 'peptide linking'   y GLYCINE         ? 'C2 H5 N O2'     75.067  
HIS 'L-peptide linking' y HISTIDINE       ? 'C6 H10 N3 O2 1' 156.162 
ILE 'L-peptide linking' y ISOLEUCINE      ? 'C6 H13 N O2'    131.173 
LEU 'L-peptide linking' y LEUCINE         ? 'C6 H13 N O2'    131.173 
LYS 'L-peptide linking' y LYSINE          ? 'C6 H15 N2 O2 1' 147.195 
MET 'L-peptide linking' y METHIONINE      ? 'C5 H11 N O2 S'  149.211 
PHE 'L-peptide linking' y PHENYLALANINE   ? 'C9 H11 N O2'    165.189 
PRO 'L-peptide linking' y PROLINE         ? 'C5 H9 N O2'     115.130 
SER 'L-peptide linking' y SERINE          ? 'C3 H7 N O3'     105.093 
THR 'L-peptide linking' y THREONINE       ? 'C4 H9 N O3'     119.119 
TRP 'L-peptide linking' y TRYPTOPHAN      ? 'C11 H12 N2 O2'  204.225 
TYR 'L-peptide linking' y TYROSINE        ? 'C9 H11 N O3'    181.189 
VAL 'L-peptide linking' y VALINE          ? 'C5 H11 N O2'    117.146 
# 
loop_
_pdbx_poly_seq_scheme.asym_id 
_pdbx_poly_seq_scheme.entity_id 
_pdbx_poly_seq_scheme.seq_id 
_pdbx_poly_seq_scheme.mon_id 
_pdbx_poly_seq_scheme.ndb_seq_num 
_pdbx_poly_seq_scheme.pdb_seq_num 
_pdbx_poly_seq_scheme.auth_seq_num 
_pdbx_poly_seq_scheme.pdb_mon_id 
_pdbx_poly_seq_scheme.auth_mon_id 
_pdbx_poly_seq_scheme.pdb_strand_id 
_pdbx_poly_seq_scheme.pdb_ins_code 
_pdbx_poly_seq_scheme.hetero 
A 1 1   PHE 1   19  19  PHE PHE A . n 
A 1 2   ASP 2   20  20  ASP ASP A . n 
A 1 3   PHE 3   21  21  PHE PHE A . n 
A 1 4   ALA 4   22  22  ALA ALA A . n 
A 1 5   VAL 5   23  23  VAL VAL A . n 
A 1 6   ILE 6   24  24  ILE ILE A . n 
A 1 7   LYS 7   25  25  LYS LYS A . n 
A 1 8   GLU 8   26  26  GLU GLU A . n 
A 1 9   LEU 9   27  27  LEU LEU A . n 
A 1 10  LYS 10  28  28  LYS LYS A . n 
A 1 11  THR 11  29  29  THR THR A . n 
A 1 12  ALA 12  30  30  ALA ALA A . n 
A 1 13  ALA 13  31  31  ALA ALA A . n 
A 1 14  SER 14  32  32  SER SER A . n 
A 1 15  GLN 15  33  33  GLN GLN A . n 
A 1 16  TYR 16  34  34  TYR TYR A . n 
A 1 17  GLY 17  35  35  GLY GLY A . n 
A 1 18  ALA 18  36  36  ALA ALA A . n 
A 1 19  THR 19  37  37  THR THR A . n 
A 1 20  ALA 20  38  38  ALA ALA A . n 
A 1 21  PRO 21  39  39  PRO PRO A . n 
A 1 22  TYR 22  40  40  TYR TYR A . n 
A 1 23  THR 23  41  41  THR THR A . n 
A 1 24  LEU 24  42  42  LEU LEU A . n 
A 1 25  ALA 25  43  43  ALA ALA A . n 
A 1 26  ILE 26  44  44  ILE ILE A . n 
A 1 27  VAL 27  45  45  VAL VAL A . n 
A 1 28  GLU 28  46  46  GLU GLU A . n 
A 1 29  SER 29  47  47  SER SER A . n 
A 1 30  VAL 30  48  48  VAL VAL A . n 
A 1 31  ALA 31  49  49  ALA ALA A . n 
A 1 32  ASP 32  50  50  ASP ASP A . n 
A 1 33  ASN 33  51  51  ASN ASN A . n 
A 1 34  TRP 34  52  52  TRP TRP A . n 
A 1 35  LEU 35  53  53  LEU LEU A . n 
A 1 36  THR 36  54  54  THR THR A . n 
A 1 37  PRO 37  55  55  PRO PRO A . n 
A 1 38  THR 38  56  56  THR THR A . n 
A 1 39  ASP 39  57  57  ASP ASP A . n 
A 1 40  TRP 40  58  58  TRP TRP A . n 
A 1 41  ASN 41  59  59  ASN ASN A . n 
A 1 42  THR 42  60  60  THR THR A . n 
A 1 43  LEU 43  61  61  LEU LEU A . n 
A 1 44  VAL 44  62  62  VAL VAL A . n 
A 1 45  ARG 45  63  63  ARG ARG A . n 
A 1 46  ALA 46  64  64  ALA ALA A . n 
A 1 47  VAL 47  65  65  VAL VAL A . n 
A 1 48  LEU 48  66  66  LEU LEU A . n 
A 1 49  SER 49  67  67  SER SER A . n 
A 1 50  GLY 50  68  68  GLY GLY A . n 
A 1 51  GLY 51  69  69  GLY GLY A . n 
A 1 52  ASP 52  70  70  ASP ASP A . n 
A 1 53  HIS 53  71  71  HIS HIS A . n 
A 1 54  LEU 54  72  72  LEU LEU A . n 
A 1 55  LEU 55  73  73  LEU LEU A . n 
A 1 56  TRP 56  74  74  TRP TRP A . n 
A 1 57  LYS 57  75  75  LYS LYS A . n 
A 1 58  SER 58  76  76  SER SER A . n 
A 1 59  GLU 59  77  77  GLU GLU A . n 
A 1 60  PHE 60  78  78  PHE PHE A . n 
A 1 61  PHE 61  79  79  PHE PHE A . n 
A 1 62  GLU 62  80  80  GLU GLU A . n 
A 1 63  ASN 63  81  81  ASN ASN A . n 
A 1 64  CYS 64  82  82  CYS CYS A . n 
A 1 65  ARG 65  83  83  ARG ARG A . n 
A 1 66  ASP 66  84  84  ASP ASP A . n 
A 1 67  THR 67  85  85  THR THR A . n 
A 1 68  ALA 68  86  86  ALA ALA A . n 
A 1 69  LYS 69  87  87  LYS LYS A . n 
A 1 70  ARG 70  88  88  ARG ARG A . n 
A 1 71  ASN 71  89  89  ASN ASN A . n 
A 1 72  GLN 72  90  90  GLN GLN A . n 
A 1 73  GLN 73  91  91  GLN GLN A . n 
A 1 74  ALA 74  92  92  ALA ALA A . n 
A 1 75  GLY 75  93  93  GLY GLY A . n 
A 1 76  ASN 76  94  94  ASN ASN A . n 
A 1 77  GLY 77  95  95  GLY GLY A . n 
A 1 78  TRP 78  96  96  TRP TRP A . n 
A 1 79  ASP 79  97  97  ASP ASP A . n 
A 1 80  PHE 80  98  98  PHE PHE A . n 
A 1 81  ASP 81  99  99  ASP ASP A . n 
A 1 82  MET 82  100 100 MET MET A . n 
A 1 83  LEU 83  101 101 LEU LEU A . n 
A 1 84  THR 84  102 102 THR THR A . n 
A 1 85  GLY 85  103 103 GLY GLY A . n 
A 1 86  SER 86  104 104 SER SER A . n 
A 1 87  GLY 87  105 105 GLY GLY A . n 
A 1 88  ASN 88  106 106 ASN ASN A . n 
A 1 89  TYR 89  107 107 TYR TYR A . n 
A 1 90  SER 90  108 108 SER SER A . n 
A 1 91  SER 91  109 109 SER SER A . n 
A 1 92  THR 92  110 110 THR THR A . n 
A 1 93  ASP 93  111 111 ASP ASP A . n 
A 1 94  ALA 94  112 112 ALA ALA A . n 
A 1 95  GLN 95  113 113 GLN GLN A . n 
A 1 96  MET 96  114 114 MET MET A . n 
A 1 97  GLN 97  115 115 GLN GLN A . n 
A 1 98  TYR 98  116 116 TYR TYR A . n 
A 1 99  ASP 99  117 117 ASP ASP A . n 
A 1 100 PRO 100 118 118 PRO PRO A . n 
A 1 101 GLY 101 119 119 GLY GLY A . n 
A 1 102 LEU 102 120 120 LEU LEU A . n 
A 1 103 PHE 103 121 121 PHE PHE A . n 
A 1 104 ALA 104 122 122 ALA ALA A . n 
A 1 105 GLN 105 123 123 GLN GLN A . n 
A 1 106 ILE 106 124 124 ILE ILE A . n 
A 1 107 GLN 107 125 125 GLN GLN A . n 
A 1 108 ALA 108 126 126 ALA ALA A . n 
A 1 109 ALA 109 127 127 ALA ALA A . n 
A 1 110 ALA 110 128 128 ALA ALA A . n 
A 1 111 THR 111 129 129 THR THR A . n 
A 1 112 LYS 112 130 130 LYS LYS A . n 
A 1 113 ALA 113 131 131 ALA ALA A . n 
A 1 114 TRP 114 132 132 TRP TRP A . n 
A 1 115 ARG 115 133 133 ARG ARG A . n 
A 1 116 LYS 116 134 134 LYS LYS A . n 
B 1 1   PHE 1   19  19  PHE PHE B . n 
B 1 2   ASP 2   20  20  ASP ASP B . n 
B 1 3   PHE 3   21  21  PHE PHE B . n 
B 1 4   ALA 4   22  22  ALA ALA B . n 
B 1 5   VAL 5   23  23  VAL VAL B . n 
B 1 6   ILE 6   24  24  ILE ILE B . n 
B 1 7   LYS 7   25  25  LYS LYS B . n 
B 1 8   GLU 8   26  26  GLU GLU B . n 
B 1 9   LEU 9   27  27  LEU LEU B . n 
B 1 10  LYS 10  28  28  LYS LYS B . n 
B 1 11  THR 11  29  29  THR THR B . n 
B 1 12  ALA 12  30  30  ALA ALA B . n 
B 1 13  ALA 13  31  31  ALA ALA B . n 
B 1 14  SER 14  32  32  SER SER B . n 
B 1 15  GLN 15  33  33  GLN GLN B . n 
B 1 16  TYR 16  34  34  TYR TYR B . n 
B 1 17  GLY 17  35  35  GLY GLY B . n 
B 1 18  ALA 18  36  36  ALA ALA B . n 
B 1 19  THR 19  37  37  THR THR B . n 
B 1 20  ALA 20  38  38  ALA ALA B . n 
B 1 21  PRO 21  39  39  PRO PRO B . n 
B 1 22  TYR 22  40  40  TYR TYR B . n 
B 1 23  THR 23  41  41  THR THR B . n 
B 1 24  LEU 24  42  42  LEU LEU B . n 
B 1 25  ALA 25  43  43  ALA ALA B . n 
B 1 26  ILE 26  44  44  ILE ILE B . n 
B 1 27  VAL 27  45  45  VAL VAL B . n 
B 1 28  GLU 28  46  46  GLU GLU B . n 
B 1 29  SER 29  47  47  SER SER B . n 
B 1 30  VAL 30  48  48  VAL VAL B . n 
B 1 31  ALA 31  49  49  ALA ALA B . n 
B 1 32  ASP 32  50  50  ASP ASP B . n 
B 1 33  ASN 33  51  51  ASN ASN B . n 
B 1 34  TRP 34  52  52  TRP TRP B . n 
B 1 35  LEU 35  53  53  LEU LEU B . n 
B 1 36  THR 36  54  54  THR THR B . n 
B 1 37  PRO 37  55  55  PRO PRO B . n 
B 1 38  THR 38  56  56  THR THR B . n 
B 1 39  ASP 39  57  57  ASP ASP B . n 
B 1 40  TRP 40  58  58  TRP TRP B . n 
B 1 41  ASN 41  59  59  ASN ASN B . n 
B 1 42  THR 42  60  60  THR THR B . n 
B 1 43  LEU 43  61  61  LEU LEU B . n 
B 1 44  VAL 44  62  62  VAL VAL B . n 
B 1 45  ARG 45  63  63  ARG ARG B . n 
B 1 46  ALA 46  64  64  ALA ALA B . n 
B 1 47  VAL 47  65  65  VAL VAL B . n 
B 1 48  LEU 48  66  66  LEU LEU B . n 
B 1 49  SER 49  67  67  SER SER B . n 
B 1 50  GLY 50  68  68  GLY GLY B . n 
B 1 51  GLY 51  69  69  GLY GLY B . n 
B 1 52  ASP 52  70  70  ASP ASP B . n 
B 1 53  HIS 53  71  71  HIS HIS B . n 
B 1 54  LEU 54  72  72  LEU LEU B . n 
B 1 55  LEU 55  73  73  LEU LEU B . n 
B 1 56  TRP 56  74  74  TRP TRP B . n 
B 1 57  LYS 57  75  75  LYS LYS B . n 
B 1 58  SER 58  76  76  SER SER B . n 
B 1 59  GLU 59  77  77  GLU GLU B . n 
B 1 60  PHE 60  78  78  PHE PHE B . n 
B 1 61  PHE 61  79  79  PHE PHE B . n 
B 1 62  GLU 62  80  80  GLU GLU B . n 
B 1 63  ASN 63  81  81  ASN ASN B . n 
B 1 64  CYS 64  82  82  CYS CYS B . n 
B 1 65  ARG 65  83  83  ARG ARG B . n 
B 1 66  ASP 66  84  84  ASP ASP B . n 
B 1 67  THR 67  85  85  THR THR B . n 
B 1 68  ALA 68  86  86  ALA ALA B . n 
B 1 69  LYS 69  87  87  LYS LYS B . n 
B 1 70  ARG 70  88  88  ARG ARG B . n 
B 1 71  ASN 71  89  89  ASN ASN B . n 
B 1 72  GLN 72  90  90  GLN GLN B . n 
B 1 73  GLN 73  91  91  GLN GLN B . n 
B 1 74  ALA 74  92  92  ALA ALA B . n 
B 1 75  GLY 75  93  93  GLY GLY B . n 
B 1 76  ASN 76  94  94  ASN ASN B . n 
B 1 77  GLY 77  95  95  GLY GLY B . n 
B 1 78  TRP 78  96  96  TRP TRP B . n 
B 1 79  ASP 79  97  97  ASP ASP B . n 
B 1 80  PHE 80  98  98  PHE PHE B . n 
B 1 81  ASP 81  99  99  ASP ASP B . n 
B 1 82  MET 82  100 100 MET MET B . n 
B 1 83  LEU 83  101 101 LEU LEU B . n 
B 1 84  THR 84  102 102 THR THR B . n 
B 1 85  GLY 85  103 103 GLY GLY B . n 
B 1 86  SER 86  104 104 SER SER B . n 
B 1 87  GLY 87  105 105 GLY GLY B . n 
B 1 88  ASN 88  106 106 ASN ASN B . n 
B 1 89  TYR 89  107 107 TYR TYR B . n 
B 1 90  SER 90  108 108 SER SER B . n 
B 1 91  SER 91  109 109 SER SER B . n 
B 1 92  THR 92  110 110 THR THR B . n 
B 1 93  ASP 93  111 111 ASP ASP B . n 
B 1 94  ALA 94  112 112 ALA ALA B . n 
B 1 95  GLN 95  113 113 GLN GLN B . n 
B 1 96  MET 96  114 114 MET MET B . n 
B 1 97  GLN 97  115 115 GLN GLN B . n 
B 1 98  TYR 98  116 116 TYR TYR B . n 
B 1 99  ASP 99  117 117 ASP ASP B . n 
B 1 100 PRO 100 118 118 PRO PRO B . n 
B 1 101 GLY 101 119 119 GLY GLY B . n 
B 1 102 LEU 102 120 120 LEU LEU B . n 
B 1 103 PHE 103 121 121 PHE PHE B . n 
B 1 104 ALA 104 122 122 ALA ALA B . n 
B 1 105 GLN 105 123 123 GLN GLN B . n 
B 1 106 ILE 106 124 124 ILE ILE B . n 
B 1 107 GLN 107 125 125 GLN GLN B . n 
B 1 108 ALA 108 126 126 ALA ALA B . n 
B 1 109 ALA 109 127 127 ALA ALA B . n 
B 1 110 ALA 110 128 128 ALA ALA B . n 
B 1 111 THR 111 129 129 THR THR B . n 
B 1 112 LYS 112 130 130 LYS LYS B . n 
B 1 113 ALA 113 131 131 ALA ALA B . n 
B 1 114 TRP 114 132 132 TRP TRP B . n 
B 1 115 ARG 115 133 133 ARG ARG B . n 
B 1 116 LYS 116 134 134 LYS LYS B . n 
# 
_cell.entry_id           4ARD 
_cell.length_a           1.000 
_cell.length_b           1.000 
_cell.length_c           1.000 
_cell.angle_alpha        90.00 
_cell.angle_beta         90.00 
_cell.angle_gamma        90.00 
_cell.Z_PDB              1 
_cell.pdbx_unique_axis   ? 
# 
_symmetry.entry_id                         4ARD 
_symmetry.space_group_name_H-M             'P 1' 
_symmetry.pdbx_full_space_group_name_H-M   ? 
_symmetry.cell_setting                     ? 
_symmetry.Int_Tables_number                1 
# 
_exptl.entry_id          4ARD 
_exptl.method            'ELECTRON MICROSCOPY' 
_exptl.crystals_number   ? 
# 
_exptl_crystal.id                    1 
_exptl_crystal.density_meas          ? 
_exptl_crystal.density_Matthews      ? 
_exptl_crystal.density_percent_sol   ? 
_exptl_crystal.description           ? 
# 
_diffrn.id                     1 
_diffrn.ambient_temp           ? 
_diffrn.ambient_temp_details   ? 
_diffrn.crystal_id             1 
# 
_diffrn_radiation.diffrn_id                        1 
_diffrn_radiation.wavelength_id                    1 
_diffrn_radiation.pdbx_monochromatic_or_laue_m_l   ? 
_diffrn_radiation.monochromator                    ? 
_diffrn_radiation.pdbx_diffrn_protocol             ? 
_diffrn_radiation.pdbx_scattering_type             ? 
# 
_diffrn_radiation_wavelength.id           1 
_diffrn_radiation_wavelength.wavelength   . 
_diffrn_radiation_wavelength.wt           1.0 
# 
_refine.pdbx_refine_id                           'ELECTRON MICROSCOPY' 
_refine.entry_id                                 4ARD 
_refine.pdbx_diffrn_id                           1 
_refine.pdbx_TLS_residual_ADP_flag               ? 
_refine.ls_number_reflns_obs                     ? 
_refine.ls_number_reflns_all                     ? 
_refine.pdbx_ls_sigma_I                          ? 
_refine.pdbx_ls_sigma_F                          ? 
_refine.pdbx_data_cutoff_high_absF               ? 
_refine.pdbx_data_cutoff_low_absF                ? 
_refine.pdbx_data_cutoff_high_rms_absF           ? 
_refine.ls_d_res_low                             ? 
_refine.ls_d_res_high                            7.00 
_refine.ls_percent_reflns_obs                    ? 
_refine.ls_R_factor_obs                          ? 
_refine.ls_R_factor_all                          ? 
_refine.ls_R_factor_R_work                       ? 
_refine.ls_R_factor_R_free                       ? 
_refine.ls_R_factor_R_free_error                 ? 
_refine.ls_R_factor_R_free_error_details         ? 
_refine.ls_percent_reflns_R_free                 ? 
_refine.ls_number_reflns_R_free                  ? 
_refine.ls_number_parameters                     ? 
_refine.ls_number_restraints                     ? 
_refine.occupancy_min                            ? 
_refine.occupancy_max                            ? 
_refine.correlation_coeff_Fo_to_Fc               ? 
_refine.correlation_coeff_Fo_to_Fc_free          ? 
_refine.B_iso_mean                               ? 
_refine.aniso_B[1][1]                            ? 
_refine.aniso_B[2][2]                            ? 
_refine.aniso_B[3][3]                            ? 
_refine.aniso_B[1][2]                            ? 
_refine.aniso_B[1][3]                            ? 
_refine.aniso_B[2][3]                            ? 
_refine.solvent_model_details                    ? 
_refine.solvent_model_param_ksol                 ? 
_refine.solvent_model_param_bsol                 ? 
_refine.pdbx_solvent_vdw_probe_radii             ? 
_refine.pdbx_solvent_ion_probe_radii             ? 
_refine.pdbx_solvent_shrinkage_radii             ? 
_refine.pdbx_ls_cross_valid_method               ? 
_refine.details                                  ? 
_refine.pdbx_starting_model                      ? 
_refine.pdbx_method_to_determine_struct          ? 
_refine.pdbx_isotropic_thermal_model             ? 
_refine.pdbx_stereochemistry_target_values       ? 
_refine.pdbx_stereochem_target_val_spec_case     ? 
_refine.pdbx_R_Free_selection_details            ? 
_refine.pdbx_overall_ESU_R                       ? 
_refine.pdbx_overall_ESU_R_Free                  ? 
_refine.overall_SU_ML                            ? 
_refine.pdbx_overall_phase_error                 ? 
_refine.overall_SU_B                             ? 
_refine.overall_SU_R_Cruickshank_DPI             ? 
_refine.pdbx_overall_SU_R_free_Cruickshank_DPI   ? 
_refine.pdbx_overall_SU_R_Blow_DPI               ? 
_refine.pdbx_overall_SU_R_free_Blow_DPI          ? 
# 
_refine_hist.pdbx_refine_id                   'ELECTRON MICROSCOPY' 
_refine_hist.cycle_id                         LAST 
_refine_hist.pdbx_number_atoms_protein        232 
_refine_hist.pdbx_number_atoms_nucleic_acid   0 
_refine_hist.pdbx_number_atoms_ligand         0 
_refine_hist.number_atoms_solvent             0 
_refine_hist.number_atoms_total               232 
_refine_hist.d_res_high                       7.00 
_refine_hist.d_res_low                        . 
# 
_struct.entry_id                  4ARD 
_struct.title                     'Structure of the immature retroviral capsid at 8A resolution by cryo- electron microscopy' 
_struct.pdbx_model_details        ? 
_struct.pdbx_CASP_flag            ? 
_struct.pdbx_model_type_details   'CA ATOMS ONLY, CHAIN A, B' 
# 
_struct_keywords.entry_id        4ARD 
_struct_keywords.pdbx_keywords   'VIRAL PROTEIN' 
_struct_keywords.text            'VIRAL PROTEIN, RETROVIRUS, GAG' 
# 
loop_
_struct_asym.id 
_struct_asym.pdbx_blank_PDB_chainid_flag 
_struct_asym.pdbx_modified 
_struct_asym.entity_id 
_struct_asym.details 
A N N 1 ? 
B N N 1 ? 
# 
_struct_ref.id                         1 
_struct_ref.db_name                    UNP 
_struct_ref.db_code                    GAG_MPMV 
_struct_ref.entity_id                  1 
_struct_ref.pdbx_seq_one_letter_code   ? 
_struct_ref.pdbx_align_begin           ? 
_struct_ref.pdbx_db_accession          P07567 
_struct_ref.pdbx_db_isoform            ? 
# 
loop_
_struct_ref_seq.align_id 
_struct_ref_seq.ref_id 
_struct_ref_seq.pdbx_PDB_id_code 
_struct_ref_seq.pdbx_strand_id 
_struct_ref_seq.seq_align_beg 
_struct_ref_seq.pdbx_seq_align_beg_ins_code 
_struct_ref_seq.seq_align_end 
_struct_ref_seq.pdbx_seq_align_end_ins_code 
_struct_ref_seq.pdbx_db_accession 
_struct_ref_seq.db_align_beg 
_struct_ref_seq.pdbx_db_align_beg_ins_code 
_struct_ref_seq.db_align_end 
_struct_ref_seq.pdbx_db_align_end_ins_code 
_struct_ref_seq.pdbx_auth_seq_align_beg 
_struct_ref_seq.pdbx_auth_seq_align_end 
1 1 4ARD A 1 ? 83 ? P07567 318 ? 433 ? 19 101 
2 1 4ARD B 1 ? 83 ? P07567 318 ? 433 ? 19 101 
# 
_pdbx_struct_assembly.id                   1 
_pdbx_struct_assembly.details              author_defined_assembly 
_pdbx_struct_assembly.method_details       ? 
_pdbx_struct_assembly.oligomeric_details   dimeric 
_pdbx_struct_assembly.oligomeric_count     2 
# 
_pdbx_struct_assembly_gen.assembly_id       1 
_pdbx_struct_assembly_gen.oper_expression   1 
_pdbx_struct_assembly_gen.asym_id_list      A,B 
# 
_pdbx_struct_oper_list.id                   1 
_pdbx_struct_oper_list.type                 'identity operation' 
_pdbx_struct_oper_list.name                 1_555 
_pdbx_struct_oper_list.symmetry_operation   x,y,z 
_pdbx_struct_oper_list.matrix[1][1]         1.0000000000 
_pdbx_struct_oper_list.matrix[1][2]         0.0000000000 
_pdbx_struct_oper_list.matrix[1][3]         0.0000000000 
_pdbx_struct_oper_list.vector[1]            0.0000000000 
_pdbx_struct_oper_list.matrix[2][1]         0.0000000000 
_pdbx_struct_oper_list.matrix[2][2]         1.0000000000 
_pdbx_struct_oper_list.matrix[2][3]         0.0000000000 
_pdbx_struct_oper_list.vector[2]            0.0000000000 
_pdbx_struct_oper_list.matrix[3][1]         0.0000000000 
_pdbx_struct_oper_list.matrix[3][2]         0.0000000000 
_pdbx_struct_oper_list.matrix[3][3]         1.0000000000 
_pdbx_struct_oper_list.vector[3]            0.0000000000 
# 
_struct_biol.id   1 
# 
_pdbx_validate_close_contact.id               1 
_pdbx_validate_close_contact.PDB_model_num    1 
_pdbx_validate_close_contact.auth_atom_id_1   CA 
_pdbx_validate_close_contact.auth_asym_id_1   A 
_pdbx_validate_close_contact.auth_comp_id_1   GLY 
_pdbx_validate_close_contact.auth_seq_id_1    119 
_pdbx_validate_close_contact.PDB_ins_code_1   ? 
_pdbx_validate_close_contact.label_alt_id_1   ? 
_pdbx_validate_close_contact.auth_atom_id_2   CA 
_pdbx_validate_close_contact.auth_asym_id_2   B 
_pdbx_validate_close_contact.auth_comp_id_2   GLY 
_pdbx_validate_close_contact.auth_seq_id_2    119 
_pdbx_validate_close_contact.PDB_ins_code_2   ? 
_pdbx_validate_close_contact.label_alt_id_2   ? 
_pdbx_validate_close_contact.dist             2.17 
# 
_em_3d_fitting.id                1 
_em_3d_fitting.entry_id          4ARD 
_em_3d_fitting.ref_protocol      'RIGID BODY FIT' 
_em_3d_fitting.ref_space         REAL 
_em_3d_fitting.overall_b_value   ? 
_em_3d_fitting.target_criteria   ? 
_em_3d_fitting.details           'METHOD--RIGID BODY REFINEMENT PROTOCOL--NMR' 
_em_3d_fitting.method            ? 
# 
_em_3d_fitting_list.3d_fitting_id                 1 
_em_3d_fitting_list.id                            1 
_em_3d_fitting_list.pdb_entry_id                  2KGF 
_em_3d_fitting_list.pdb_chain_id                  ? 
_em_3d_fitting_list.details                       ? 
_em_3d_fitting_list.initial_refinement_model_id   1 
_em_3d_fitting_list.chain_id                      ? 
_em_3d_fitting_list.chain_residue_range           ? 
_em_3d_fitting_list.pdb_chain_residue_range       ? 
_em_3d_fitting_list.source_name                   PDB 
_em_3d_fitting_list.type                          'experimental model' 
_em_3d_fitting_list.accession_code                2KGF 
# 
_em_3d_reconstruction.entry_id                    4ARD 
_em_3d_reconstruction.id                          1 
_em_3d_reconstruction.symmetry_type               HELICAL 
_em_3d_reconstruction.image_processing_id         1 
_em_3d_reconstruction.method                      'HELICAL RECONSTRUCTION WITH 3D ASYMMETRIC UNIT AVERAGING' 
_em_3d_reconstruction.nominal_pixel_size          1.53 
_em_3d_reconstruction.actual_pixel_size           1.53 
_em_3d_reconstruction.resolution                  7 
_em_3d_reconstruction.magnification_calibration   ? 
_em_3d_reconstruction.details                     
;HELICAL RECONSTRUCTION WITH 3D ASYMMETRIC UNIT AVERAGING SUBMISSION BASED ON EXPERIMENTAL DATA FROM EMDB EMD-2090. (DEPOSITION ID: 10768).
;
_em_3d_reconstruction.num_class_averages          ? 
_em_3d_reconstruction.num_particles               ? 
_em_3d_reconstruction.resolution_method           ? 
_em_3d_reconstruction.algorithm                   ? 
# 
_em_buffer.id            1 
_em_buffer.specimen_id   1 
_em_buffer.name          '100MM NACL, 50MM TRIS-HCL, 1UM ZN' 
_em_buffer.pH            7.7 
_em_buffer.details       '100MM NACL, 50MM TRIS-HCL, 1UM ZN' 
# 
_em_entity_assembly.id                   1 
_em_entity_assembly.name                 'M-PMV CANC GAG TUBES' 
_em_entity_assembly.type                 COMPLEX 
_em_entity_assembly.parent_id            0 
_em_entity_assembly.synonym              ? 
_em_entity_assembly.details              ? 
_em_entity_assembly.oligomeric_details   ? 
# 
_em_image_scans.entry_id                4ARD 
_em_image_scans.id                      1 
_em_image_scans.image_recording_id      1 
_em_image_scans.number_digital_images   46 
_em_image_scans.citation_id             ? 
_em_image_scans.od_range                ? 
_em_image_scans.quant_bit_size          ? 
_em_image_scans.sampling_size           ? 
_em_image_scans.scanner_model           ? 
_em_image_scans.details                 ? 
# 
_em_imaging.entry_id                        4ARD 
_em_imaging.id                              1 
_em_imaging.microscope_model                'FEI TITAN KRIOS' 
_em_imaging.illumination_mode               'FLOOD BEAM' 
_em_imaging.specimen_id                     1 
_em_imaging.date                            2011-07-05 
_em_imaging.temperature                     ? 
_em_imaging.nominal_defocus_min             1000 
_em_imaging.nominal_defocus_max             4000 
_em_imaging.tilt_angle_min                  ? 
_em_imaging.tilt_angle_max                  ? 
_em_imaging.nominal_cs                      2.7 
_em_imaging.mode                            'BRIGHT FIELD' 
_em_imaging.nominal_magnification           47000 
_em_imaging.calibrated_magnification        ? 
_em_imaging.electron_source                 'FIELD EMISSION GUN' 
_em_imaging.accelerating_voltage            300 
_em_imaging.details                         ? 
_em_imaging.specimen_holder_type            . 
_em_imaging.specimen_holder_model           . 
_em_imaging.citation_id                     ? 
_em_imaging.astigmatism                     ? 
_em_imaging.detector_distance               ? 
_em_imaging.electron_beam_tilt_params       ? 
_em_imaging.recording_temperature_maximum   ? 
_em_imaging.recording_temperature_minimum   ? 
# 
_em_sample_support.id               1 
_em_sample_support.specimen_id      1 
_em_sample_support.details          'HOLEY CARBON' 
_em_sample_support.method           ? 
_em_sample_support.film_material    ? 
_em_sample_support.grid_material    ? 
_em_sample_support.grid_mesh_size   ? 
_em_sample_support.grid_type        ? 
# 
_em_vitrification.entry_id              4ARD 
_em_vitrification.id                    1 
_em_vitrification.cryogen_name          ETHANE 
_em_vitrification.specimen_id           1 
_em_vitrification.details               'LIQUID ETHANE' 
_em_vitrification.citation_id           ? 
_em_vitrification.humidity              ? 
_em_vitrification.instrument            ? 
_em_vitrification.method                ? 
_em_vitrification.temp                  ? 
_em_vitrification.time_resolved_state   ? 
# 
_em_experiment.entry_id                4ARD 
_em_experiment.id                      1 
_em_experiment.aggregation_state       'HELICAL ARRAY' 
_em_experiment.entity_assembly_id      1 
_em_experiment.reconstruction_method   HELICAL 
# 
loop_
_chem_comp_atom.comp_id 
_chem_comp_atom.atom_id 
_chem_comp_atom.type_symbol 
_chem_comp_atom.pdbx_aromatic_flag 
_chem_comp_atom.pdbx_stereo_config 
_chem_comp_atom.pdbx_ordinal 
ALA N    N N N 1   
ALA CA   C N S 2   
ALA C    C N N 3   
ALA O    O N N 4   
ALA CB   C N N 5   
ALA OXT  O N N 6   
ALA H    H N N 7   
ALA H2   H N N 8   
ALA HA   H N N 9   
ALA HB1  H N N 10  
ALA HB2  H N N 11  
ALA HB3  H N N 12  
ALA HXT  H N N 13  
ARG N    N N N 14  
ARG CA   C N S 15  
ARG C    C N N 16  
ARG O    O N N 17  
ARG CB   C N N 18  
ARG CG   C N N 19  
ARG CD   C N N 20  
ARG NE   N N N 21  
ARG CZ   C N N 22  
ARG NH1  N N N 23  
ARG NH2  N N N 24  
ARG OXT  O N N 25  
ARG H    H N N 26  
ARG H2   H N N 27  
ARG HA   H N N 28  
ARG HB2  H N N 29  
ARG HB3  H N N 30  
ARG HG2  H N N 31  
ARG HG3  H N N 32  
ARG HD2  H N N 33  
ARG HD3  H N N 34  
ARG HE   H N N 35  
ARG HH11 H N N 36  
ARG HH12 H N N 37  
ARG HH21 H N N 38  
ARG HH22 H N N 39  
ARG HXT  H N N 40  
ASN N    N N N 41  
ASN CA   C N S 42  
ASN C    C N N 43  
ASN O    O N N 44  
ASN CB   C N N 45  
ASN CG   C N N 46  
ASN OD1  O N N 47  
ASN ND2  N N N 48  
ASN OXT  O N N 49  
ASN H    H N N 50  
ASN H2   H N N 51  
ASN HA   H N N 52  
ASN HB2  H N N 53  
ASN HB3  H N N 54  
ASN HD21 H N N 55  
ASN HD22 H N N 56  
ASN HXT  H N N 57  
ASP N    N N N 58  
ASP CA   C N S 59  
ASP C    C N N 60  
ASP O    O N N 61  
ASP CB   C N N 62  
ASP CG   C N N 63  
ASP OD1  O N N 64  
ASP OD2  O N N 65  
ASP OXT  O N N 66  
ASP H    H N N 67  
ASP H2   H N N 68  
ASP HA   H N N 69  
ASP HB2  H N N 70  
ASP HB3  H N N 71  
ASP HD2  H N N 72  
ASP HXT  H N N 73  
CYS N    N N N 74  
CYS CA   C N R 75  
CYS C    C N N 76  
CYS O    O N N 77  
CYS CB   C N N 78  
CYS SG   S N N 79  
CYS OXT  O N N 80  
CYS H    H N N 81  
CYS H2   H N N 82  
CYS HA   H N N 83  
CYS HB2  H N N 84  
CYS HB3  H N N 85  
CYS HG   H N N 86  
CYS HXT  H N N 87  
GLN N    N N N 88  
GLN CA   C N S 89  
GLN C    C N N 90  
GLN O    O N N 91  
GLN CB   C N N 92  
GLN CG   C N N 93  
GLN CD   C N N 94  
GLN OE1  O N N 95  
GLN NE2  N N N 96  
GLN OXT  O N N 97  
GLN H    H N N 98  
GLN H2   H N N 99  
GLN HA   H N N 100 
GLN HB2  H N N 101 
GLN HB3  H N N 102 
GLN HG2  H N N 103 
GLN HG3  H N N 104 
GLN HE21 H N N 105 
GLN HE22 H N N 106 
GLN HXT  H N N 107 
GLU N    N N N 108 
GLU CA   C N S 109 
GLU C    C N N 110 
GLU O    O N N 111 
GLU CB   C N N 112 
GLU CG   C N N 113 
GLU CD   C N N 114 
GLU OE1  O N N 115 
GLU OE2  O N N 116 
GLU OXT  O N N 117 
GLU H    H N N 118 
GLU H2   H N N 119 
GLU HA   H N N 120 
GLU HB2  H N N 121 
GLU HB3  H N N 122 
GLU HG2  H N N 123 
GLU HG3  H N N 124 
GLU HE2  H N N 125 
GLU HXT  H N N 126 
GLY N    N N N 127 
GLY CA   C N N 128 
GLY C    C N N 129 
GLY O    O N N 130 
GLY OXT  O N N 131 
GLY H    H N N 132 
GLY H2   H N N 133 
GLY HA2  H N N 134 
GLY HA3  H N N 135 
GLY HXT  H N N 136 
HIS N    N N N 137 
HIS CA   C N S 138 
HIS C    C N N 139 
HIS O    O N N 140 
HIS CB   C N N 141 
HIS CG   C Y N 142 
HIS ND1  N Y N 143 
HIS CD2  C Y N 144 
HIS CE1  C Y N 145 
HIS NE2  N Y N 146 
HIS OXT  O N N 147 
HIS H    H N N 148 
HIS H2   H N N 149 
HIS HA   H N N 150 
HIS HB2  H N N 151 
HIS HB3  H N N 152 
HIS HD1  H N N 153 
HIS HD2  H N N 154 
HIS HE1  H N N 155 
HIS HE2  H N N 156 
HIS HXT  H N N 157 
ILE N    N N N 158 
ILE CA   C N S 159 
ILE C    C N N 160 
ILE O    O N N 161 
ILE CB   C N S 162 
ILE CG1  C N N 163 
ILE CG2  C N N 164 
ILE CD1  C N N 165 
ILE OXT  O N N 166 
ILE H    H N N 167 
ILE H2   H N N 168 
ILE HA   H N N 169 
ILE HB   H N N 170 
ILE HG12 H N N 171 
ILE HG13 H N N 172 
ILE HG21 H N N 173 
ILE HG22 H N N 174 
ILE HG23 H N N 175 
ILE HD11 H N N 176 
ILE HD12 H N N 177 
ILE HD13 H N N 178 
ILE HXT  H N N 179 
LEU N    N N N 180 
LEU CA   C N S 181 
LEU C    C N N 182 
LEU O    O N N 183 
LEU CB   C N N 184 
LEU CG   C N N 185 
LEU CD1  C N N 186 
LEU CD2  C N N 187 
LEU OXT  O N N 188 
LEU H    H N N 189 
LEU H2   H N N 190 
LEU HA   H N N 191 
LEU HB2  H N N 192 
LEU HB3  H N N 193 
LEU HG   H N N 194 
LEU HD11 H N N 195 
LEU HD12 H N N 196 
LEU HD13 H N N 197 
LEU HD21 H N N 198 
LEU HD22 H N N 199 
LEU HD23 H N N 200 
LEU HXT  H N N 201 
LYS N    N N N 202 
LYS CA   C N S 203 
LYS C    C N N 204 
LYS O    O N N 205 
LYS CB   C N N 206 
LYS CG   C N N 207 
LYS CD   C N N 208 
LYS CE   C N N 209 
LYS NZ   N N N 210 
LYS OXT  O N N 211 
LYS H    H N N 212 
LYS H2   H N N 213 
LYS HA   H N N 214 
LYS HB2  H N N 215 
LYS HB3  H N N 216 
LYS HG2  H N N 217 
LYS HG3  H N N 218 
LYS HD2  H N N 219 
LYS HD3  H N N 220 
LYS HE2  H N N 221 
LYS HE3  H N N 222 
LYS HZ1  H N N 223 
LYS HZ2  H N N 224 
LYS HZ3  H N N 225 
LYS HXT  H N N 226 
MET N    N N N 227 
MET CA   C N S 228 
MET C    C N N 229 
MET O    O N N 230 
MET CB   C N N 231 
MET CG   C N N 232 
MET SD   S N N 233 
MET CE   C N N 234 
MET OXT  O N N 235 
MET H    H N N 236 
MET H2   H N N 237 
MET HA   H N N 238 
MET HB2  H N N 239 
MET HB3  H N N 240 
MET HG2  H N N 241 
MET HG3  H N N 242 
MET HE1  H N N 243 
MET HE2  H N N 244 
MET HE3  H N N 245 
MET HXT  H N N 246 
PHE N    N N N 247 
PHE CA   C N S 248 
PHE C    C N N 249 
PHE O    O N N 250 
PHE CB   C N N 251 
PHE CG   C Y N 252 
PHE CD1  C Y N 253 
PHE CD2  C Y N 254 
PHE CE1  C Y N 255 
PHE CE2  C Y N 256 
PHE CZ   C Y N 257 
PHE OXT  O N N 258 
PHE H    H N N 259 
PHE H2   H N N 260 
PHE HA   H N N 261 
PHE HB2  H N N 262 
PHE HB3  H N N 263 
PHE HD1  H N N 264 
PHE HD2  H N N 265 
PHE HE1  H N N 266 
PHE HE2  H N N 267 
PHE HZ   H N N 268 
PHE HXT  H N N 269 
PRO N    N N N 270 
PRO CA   C N S 271 
PRO C    C N N 272 
PRO O    O N N 273 
PRO CB   C N N 274 
PRO CG   C N N 275 
PRO CD   C N N 276 
PRO OXT  O N N 277 
PRO H    H N N 278 
PRO HA   H N N 279 
PRO HB2  H N N 280 
PRO HB3  H N N 281 
PRO HG2  H N N 282 
PRO HG3  H N N 283 
PRO HD2  H N N 284 
PRO HD3  H N N 285 
PRO HXT  H N N 286 
SER N    N N N 287 
SER CA   C N S 288 
SER C    C N N 289 
SER O    O N N 290 
SER CB   C N N 291 
SER OG   O N N 292 
SER OXT  O N N 293 
SER H    H N N 294 
SER H2   H N N 295 
SER HA   H N N 296 
SER HB2  H N N 297 
SER HB3  H N N 298 
SER HG   H N N 299 
SER HXT  H N N 300 
THR N    N N N 301 
THR CA   C N S 302 
THR C    C N N 303 
THR O    O N N 304 
THR CB   C N R 305 
THR OG1  O N N 306 
THR CG2  C N N 307 
THR OXT  O N N 308 
THR H    H N N 309 
THR H2   H N N 310 
THR HA   H N N 311 
THR HB   H N N 312 
THR HG1  H N N 313 
THR HG21 H N N 314 
THR HG22 H N N 315 
THR HG23 H N N 316 
THR HXT  H N N 317 
TRP N    N N N 318 
TRP CA   C N S 319 
TRP C    C N N 320 
TRP O    O N N 321 
TRP CB   C N N 322 
TRP CG   C Y N 323 
TRP CD1  C Y N 324 
TRP CD2  C Y N 325 
TRP NE1  N Y N 326 
TRP CE2  C Y N 327 
TRP CE3  C Y N 328 
TRP CZ2  C Y N 329 
TRP CZ3  C Y N 330 
TRP CH2  C Y N 331 
TRP OXT  O N N 332 
TRP H    H N N 333 
TRP H2   H N N 334 
TRP HA   H N N 335 
TRP HB2  H N N 336 
TRP HB3  H N N 337 
TRP HD1  H N N 338 
TRP HE1  H N N 339 
TRP HE3  H N N 340 
TRP HZ2  H N N 341 
TRP HZ3  H N N 342 
TRP HH2  H N N 343 
TRP HXT  H N N 344 
TYR N    N N N 345 
TYR CA   C N S 346 
TYR C    C N N 347 
TYR O    O N N 348 
TYR CB   C N N 349 
TYR CG   C Y N 350 
TYR CD1  C Y N 351 
TYR CD2  C Y N 352 
TYR CE1  C Y N 353 
TYR CE2  C Y N 354 
TYR CZ   C Y N 355 
TYR OH   O N N 356 
TYR OXT  O N N 357 
TYR H    H N N 358 
TYR H2   H N N 359 
TYR HA   H N N 360 
TYR HB2  H N N 361 
TYR HB3  H N N 362 
TYR HD1  H N N 363 
TYR HD2  H N N 364 
TYR HE1  H N N 365 
TYR HE2  H N N 366 
TYR HH   H N N 367 
TYR HXT  H N N 368 
VAL N    N N N 369 
VAL CA   C N S 370 
VAL C    C N N 371 
VAL O    O N N 372 
VAL CB   C N N 373 
VAL CG1  C N N 374 
VAL CG2  C N N 375 
VAL OXT  O N N 376 
VAL H    H N N 377 
VAL H2   H N N 378 
VAL HA   H N N 379 
VAL HB   H N N 380 
VAL HG11 H N N 381 
VAL HG12 H N N 382 
VAL HG13 H N N 383 
VAL HG21 H N N 384 
VAL HG22 H N N 385 
VAL HG23 H N N 386 
VAL HXT  H N N 387 
# 
loop_
_chem_comp_bond.comp_id 
_chem_comp_bond.atom_id_1 
_chem_comp_bond.atom_id_2 
_chem_comp_bond.value_order 
_chem_comp_bond.pdbx_aromatic_flag 
_chem_comp_bond.pdbx_stereo_config 
_chem_comp_bond.pdbx_ordinal 
ALA N   CA   sing N N 1   
ALA N   H    sing N N 2   
ALA N   H2   sing N N 3   
ALA CA  C    sing N N 4   
ALA CA  CB   sing N N 5   
ALA CA  HA   sing N N 6   
ALA C   O    doub N N 7   
ALA C   OXT  sing N N 8   
ALA CB  HB1  sing N N 9   
ALA CB  HB2  sing N N 10  
ALA CB  HB3  sing N N 11  
ALA OXT HXT  sing N N 12  
ARG N   CA   sing N N 13  
ARG N   H    sing N N 14  
ARG N   H2   sing N N 15  
ARG CA  C    sing N N 16  
ARG CA  CB   sing N N 17  
ARG CA  HA   sing N N 18  
ARG C   O    doub N N 19  
ARG C   OXT  sing N N 20  
ARG CB  CG   sing N N 21  
ARG CB  HB2  sing N N 22  
ARG CB  HB3  sing N N 23  
ARG CG  CD   sing N N 24  
ARG CG  HG2  sing N N 25  
ARG CG  HG3  sing N N 26  
ARG CD  NE   sing N N 27  
ARG CD  HD2  sing N N 28  
ARG CD  HD3  sing N N 29  
ARG NE  CZ   sing N N 30  
ARG NE  HE   sing N N 31  
ARG CZ  NH1  sing N N 32  
ARG CZ  NH2  doub N N 33  
ARG NH1 HH11 sing N N 34  
ARG NH1 HH12 sing N N 35  
ARG NH2 HH21 sing N N 36  
ARG NH2 HH22 sing N N 37  
ARG OXT HXT  sing N N 38  
ASN N   CA   sing N N 39  
ASN N   H    sing N N 40  
ASN N   H2   sing N N 41  
ASN CA  C    sing N N 42  
ASN CA  CB   sing N N 43  
ASN CA  HA   sing N N 44  
ASN C   O    doub N N 45  
ASN C   OXT  sing N N 46  
ASN CB  CG   sing N N 47  
ASN CB  HB2  sing N N 48  
ASN CB  HB3  sing N N 49  
ASN CG  OD1  doub N N 50  
ASN CG  ND2  sing N N 51  
ASN ND2 HD21 sing N N 52  
ASN ND2 HD22 sing N N 53  
ASN OXT HXT  sing N N 54  
ASP N   CA   sing N N 55  
ASP N   H    sing N N 56  
ASP N   H2   sing N N 57  
ASP CA  C    sing N N 58  
ASP CA  CB   sing N N 59  
ASP CA  HA   sing N N 60  
ASP C   O    doub N N 61  
ASP C   OXT  sing N N 62  
ASP CB  CG   sing N N 63  
ASP CB  HB2  sing N N 64  
ASP CB  HB3  sing N N 65  
ASP CG  OD1  doub N N 66  
ASP CG  OD2  sing N N 67  
ASP OD2 HD2  sing N N 68  
ASP OXT HXT  sing N N 69  
CYS N   CA   sing N N 70  
CYS N   H    sing N N 71  
CYS N   H2   sing N N 72  
CYS CA  C    sing N N 73  
CYS CA  CB   sing N N 74  
CYS CA  HA   sing N N 75  
CYS C   O    doub N N 76  
CYS C   OXT  sing N N 77  
CYS CB  SG   sing N N 78  
CYS CB  HB2  sing N N 79  
CYS CB  HB3  sing N N 80  
CYS SG  HG   sing N N 81  
CYS OXT HXT  sing N N 82  
GLN N   CA   sing N N 83  
GLN N   H    sing N N 84  
GLN N   H2   sing N N 85  
GLN CA  C    sing N N 86  
GLN CA  CB   sing N N 87  
GLN CA  HA   sing N N 88  
GLN C   O    doub N N 89  
GLN C   OXT  sing N N 90  
GLN CB  CG   sing N N 91  
GLN CB  HB2  sing N N 92  
GLN CB  HB3  sing N N 93  
GLN CG  CD   sing N N 94  
GLN CG  HG2  sing N N 95  
GLN CG  HG3  sing N N 96  
GLN CD  OE1  doub N N 97  
GLN CD  NE2  sing N N 98  
GLN NE2 HE21 sing N N 99  
GLN NE2 HE22 sing N N 100 
GLN OXT HXT  sing N N 101 
GLU N   CA   sing N N 102 
GLU N   H    sing N N 103 
GLU N   H2   sing N N 104 
GLU CA  C    sing N N 105 
GLU CA  CB   sing N N 106 
GLU CA  HA   sing N N 107 
GLU C   O    doub N N 108 
GLU C   OXT  sing N N 109 
GLU CB  CG   sing N N 110 
GLU CB  HB2  sing N N 111 
GLU CB  HB3  sing N N 112 
GLU CG  CD   sing N N 113 
GLU CG  HG2  sing N N 114 
GLU CG  HG3  sing N N 115 
GLU CD  OE1  doub N N 116 
GLU CD  OE2  sing N N 117 
GLU OE2 HE2  sing N N 118 
GLU OXT HXT  sing N N 119 
GLY N   CA   sing N N 120 
GLY N   H    sing N N 121 
GLY N   H2   sing N N 122 
GLY CA  C    sing N N 123 
GLY CA  HA2  sing N N 124 
GLY CA  HA3  sing N N 125 
GLY C   O    doub N N 126 
GLY C   OXT  sing N N 127 
GLY OXT HXT  sing N N 128 
HIS N   CA   sing N N 129 
HIS N   H    sing N N 130 
HIS N   H2   sing N N 131 
HIS CA  C    sing N N 132 
HIS CA  CB   sing N N 133 
HIS CA  HA   sing N N 134 
HIS C   O    doub N N 135 
HIS C   OXT  sing N N 136 
HIS CB  CG   sing N N 137 
HIS CB  HB2  sing N N 138 
HIS CB  HB3  sing N N 139 
HIS CG  ND1  sing Y N 140 
HIS CG  CD2  doub Y N 141 
HIS ND1 CE1  doub Y N 142 
HIS ND1 HD1  sing N N 143 
HIS CD2 NE2  sing Y N 144 
HIS CD2 HD2  sing N N 145 
HIS CE1 NE2  sing Y N 146 
HIS CE1 HE1  sing N N 147 
HIS NE2 HE2  sing N N 148 
HIS OXT HXT  sing N N 149 
ILE N   CA   sing N N 150 
ILE N   H    sing N N 151 
ILE N   H2   sing N N 152 
ILE CA  C    sing N N 153 
ILE CA  CB   sing N N 154 
ILE CA  HA   sing N N 155 
ILE C   O    doub N N 156 
ILE C   OXT  sing N N 157 
ILE CB  CG1  sing N N 158 
ILE CB  CG2  sing N N 159 
ILE CB  HB   sing N N 160 
ILE CG1 CD1  sing N N 161 
ILE CG1 HG12 sing N N 162 
ILE CG1 HG13 sing N N 163 
ILE CG2 HG21 sing N N 164 
ILE CG2 HG22 sing N N 165 
ILE CG2 HG23 sing N N 166 
ILE CD1 HD11 sing N N 167 
ILE CD1 HD12 sing N N 168 
ILE CD1 HD13 sing N N 169 
ILE OXT HXT  sing N N 170 
LEU N   CA   sing N N 171 
LEU N   H    sing N N 172 
LEU N   H2   sing N N 173 
LEU CA  C    sing N N 174 
LEU CA  CB   sing N N 175 
LEU CA  HA   sing N N 176 
LEU C   O    doub N N 177 
LEU C   OXT  sing N N 178 
LEU CB  CG   sing N N 179 
LEU CB  HB2  sing N N 180 
LEU CB  HB3  sing N N 181 
LEU CG  CD1  sing N N 182 
LEU CG  CD2  sing N N 183 
LEU CG  HG   sing N N 184 
LEU CD1 HD11 sing N N 185 
LEU CD1 HD12 sing N N 186 
LEU CD1 HD13 sing N N 187 
LEU CD2 HD21 sing N N 188 
LEU CD2 HD22 sing N N 189 
LEU CD2 HD23 sing N N 190 
LEU OXT HXT  sing N N 191 
LYS N   CA   sing N N 192 
LYS N   H    sing N N 193 
LYS N   H2   sing N N 194 
LYS CA  C    sing N N 195 
LYS CA  CB   sing N N 196 
LYS CA  HA   sing N N 197 
LYS C   O    doub N N 198 
LYS C   OXT  sing N N 199 
LYS CB  CG   sing N N 200 
LYS CB  HB2  sing N N 201 
LYS CB  HB3  sing N N 202 
LYS CG  CD   sing N N 203 
LYS CG  HG2  sing N N 204 
LYS CG  HG3  sing N N 205 
LYS CD  CE   sing N N 206 
LYS CD  HD2  sing N N 207 
LYS CD  HD3  sing N N 208 
LYS CE  NZ   sing N N 209 
LYS CE  HE2  sing N N 210 
LYS CE  HE3  sing N N 211 
LYS NZ  HZ1  sing N N 212 
LYS NZ  HZ2  sing N N 213 
LYS NZ  HZ3  sing N N 214 
LYS OXT HXT  sing N N 215 
MET N   CA   sing N N 216 
MET N   H    sing N N 217 
MET N   H2   sing N N 218 
MET CA  C    sing N N 219 
MET CA  CB   sing N N 220 
MET CA  HA   sing N N 221 
MET C   O    doub N N 222 
MET C   OXT  sing N N 223 
MET CB  CG   sing N N 224 
MET CB  HB2  sing N N 225 
MET CB  HB3  sing N N 226 
MET CG  SD   sing N N 227 
MET CG  HG2  sing N N 228 
MET CG  HG3  sing N N 229 
MET SD  CE   sing N N 230 
MET CE  HE1  sing N N 231 
MET CE  HE2  sing N N 232 
MET CE  HE3  sing N N 233 
MET OXT HXT  sing N N 234 
PHE N   CA   sing N N 235 
PHE N   H    sing N N 236 
PHE N   H2   sing N N 237 
PHE CA  C    sing N N 238 
PHE CA  CB   sing N N 239 
PHE CA  HA   sing N N 240 
PHE C   O    doub N N 241 
PHE C   OXT  sing N N 242 
PHE CB  CG   sing N N 243 
PHE CB  HB2  sing N N 244 
PHE CB  HB3  sing N N 245 
PHE CG  CD1  doub Y N 246 
PHE CG  CD2  sing Y N 247 
PHE CD1 CE1  sing Y N 248 
PHE CD1 HD1  sing N N 249 
PHE CD2 CE2  doub Y N 250 
PHE CD2 HD2  sing N N 251 
PHE CE1 CZ   doub Y N 252 
PHE CE1 HE1  sing N N 253 
PHE CE2 CZ   sing Y N 254 
PHE CE2 HE2  sing N N 255 
PHE CZ  HZ   sing N N 256 
PHE OXT HXT  sing N N 257 
PRO N   CA   sing N N 258 
PRO N   CD   sing N N 259 
PRO N   H    sing N N 260 
PRO CA  C    sing N N 261 
PRO CA  CB   sing N N 262 
PRO CA  HA   sing N N 263 
PRO C   O    doub N N 264 
PRO C   OXT  sing N N 265 
PRO CB  CG   sing N N 266 
PRO CB  HB2  sing N N 267 
PRO CB  HB3  sing N N 268 
PRO CG  CD   sing N N 269 
PRO CG  HG2  sing N N 270 
PRO CG  HG3  sing N N 271 
PRO CD  HD2  sing N N 272 
PRO CD  HD3  sing N N 273 
PRO OXT HXT  sing N N 274 
SER N   CA   sing N N 275 
SER N   H    sing N N 276 
SER N   H2   sing N N 277 
SER CA  C    sing N N 278 
SER CA  CB   sing N N 279 
SER CA  HA   sing N N 280 
SER C   O    doub N N 281 
SER C   OXT  sing N N 282 
SER CB  OG   sing N N 283 
SER CB  HB2  sing N N 284 
SER CB  HB3  sing N N 285 
SER OG  HG   sing N N 286 
SER OXT HXT  sing N N 287 
THR N   CA   sing N N 288 
THR N   H    sing N N 289 
THR N   H2   sing N N 290 
THR CA  C    sing N N 291 
THR CA  CB   sing N N 292 
THR CA  HA   sing N N 293 
THR C   O    doub N N 294 
THR C   OXT  sing N N 295 
THR CB  OG1  sing N N 296 
THR CB  CG2  sing N N 297 
THR CB  HB   sing N N 298 
THR OG1 HG1  sing N N 299 
THR CG2 HG21 sing N N 300 
THR CG2 HG22 sing N N 301 
THR CG2 HG23 sing N N 302 
THR OXT HXT  sing N N 303 
TRP N   CA   sing N N 304 
TRP N   H    sing N N 305 
TRP N   H2   sing N N 306 
TRP CA  C    sing N N 307 
TRP CA  CB   sing N N 308 
TRP CA  HA   sing N N 309 
TRP C   O    doub N N 310 
TRP C   OXT  sing N N 311 
TRP CB  CG   sing N N 312 
TRP CB  HB2  sing N N 313 
TRP CB  HB3  sing N N 314 
TRP CG  CD1  doub Y N 315 
TRP CG  CD2  sing Y N 316 
TRP CD1 NE1  sing Y N 317 
TRP CD1 HD1  sing N N 318 
TRP CD2 CE2  doub Y N 319 
TRP CD2 CE3  sing Y N 320 
TRP NE1 CE2  sing Y N 321 
TRP NE1 HE1  sing N N 322 
TRP CE2 CZ2  sing Y N 323 
TRP CE3 CZ3  doub Y N 324 
TRP CE3 HE3  sing N N 325 
TRP CZ2 CH2  doub Y N 326 
TRP CZ2 HZ2  sing N N 327 
TRP CZ3 CH2  sing Y N 328 
TRP CZ3 HZ3  sing N N 329 
TRP CH2 HH2  sing N N 330 
TRP OXT HXT  sing N N 331 
TYR N   CA   sing N N 332 
TYR N   H    sing N N 333 
TYR N   H2   sing N N 334 
TYR CA  C    sing N N 335 
TYR CA  CB   sing N N 336 
TYR CA  HA   sing N N 337 
TYR C   O    doub N N 338 
TYR C   OXT  sing N N 339 
TYR CB  CG   sing N N 340 
TYR CB  HB2  sing N N 341 
TYR CB  HB3  sing N N 342 
TYR CG  CD1  doub Y N 343 
TYR CG  CD2  sing Y N 344 
TYR CD1 CE1  sing Y N 345 
TYR CD1 HD1  sing N N 346 
TYR CD2 CE2  doub Y N 347 
TYR CD2 HD2  sing N N 348 
TYR CE1 CZ   doub Y N 349 
TYR CE1 HE1  sing N N 350 
TYR CE2 CZ   sing Y N 351 
TYR CE2 HE2  sing N N 352 
TYR CZ  OH   sing N N 353 
TYR OH  HH   sing N N 354 
TYR OXT HXT  sing N N 355 
VAL N   CA   sing N N 356 
VAL N   H    sing N N 357 
VAL N   H2   sing N N 358 
VAL CA  C    sing N N 359 
VAL CA  CB   sing N N 360 
VAL CA  HA   sing N N 361 
VAL C   O    doub N N 362 
VAL C   OXT  sing N N 363 
VAL CB  CG1  sing N N 364 
VAL CB  CG2  sing N N 365 
VAL CB  HB   sing N N 366 
VAL CG1 HG11 sing N N 367 
VAL CG1 HG12 sing N N 368 
VAL CG1 HG13 sing N N 369 
VAL CG2 HG21 sing N N 370 
VAL CG2 HG22 sing N N 371 
VAL CG2 HG23 sing N N 372 
VAL OXT HXT  sing N N 373 
# 
_em_ctf_correction.id        1 
_em_ctf_correction.details   'DIVISION BY 3D CTF SQ' 
_em_ctf_correction.type      ? 
# 
_em_image_processing.id                   1 
_em_image_processing.image_recording_id   1 
_em_image_processing.details              ? 
# 
_em_image_recording.avg_electron_dose_per_image   0.2 
_em_image_recording.details                       ? 
_em_image_recording.id                            1 
_em_image_recording.film_or_detector_model        'KODAK SO-163 FILM' 
_em_image_recording.imaging_id                    1 
_em_image_recording.detector_mode                 ? 
_em_image_recording.average_exposure_time         ? 
_em_image_recording.num_diffraction_images        ? 
_em_image_recording.num_grids_imaged              ? 
_em_image_recording.num_real_images               ? 
# 
loop_
_em_software.id 
_em_software.name 
_em_software.version 
_em_software.category 
_em_software.details 
_em_software.image_processing_id 
_em_software.imaging_id 
_em_software.fitting_id 
1 'UCSF Chimera' ? 'MODEL FITTING' ? ? ? 1 
2 AV3            ? RECONSTRUCTION  ? 1 ? ? 
3 SPIDER         ? RECONSTRUCTION  ? 1 ? ? 
# 
_em_specimen.experiment_id           1 
_em_specimen.id                      1 
_em_specimen.concentration           ? 
_em_specimen.vitrification_applied   YES 
_em_specimen.staining_applied        NO 
_em_specimen.embedding_applied       NO 
_em_specimen.shadowing_applied       NO 
_em_specimen.details                 ? 
# 
loop_
_pdbx_coordinate_model.asym_id 
_pdbx_coordinate_model.type 
A 'CA ATOMS ONLY' 
B 'CA ATOMS ONLY' 
# 
_pdbx_initial_refinement_model.id               1 
_pdbx_initial_refinement_model.type             'experimental model' 
_pdbx_initial_refinement_model.source_name      PDB 
_pdbx_initial_refinement_model.accession_code   2KGF 
# 
_atom_sites.entry_id                    4ARD 
_atom_sites.fract_transf_matrix[1][1]   1.000000 
_atom_sites.fract_transf_matrix[1][2]   0.000000 
_atom_sites.fract_transf_matrix[1][3]   0.000000 
_atom_sites.fract_transf_matrix[2][1]   0.000000 
_atom_sites.fract_transf_matrix[2][2]   1.000000 
_atom_sites.fract_transf_matrix[2][3]   0.000000 
_atom_sites.fract_transf_matrix[3][1]   0.000000 
_atom_sites.fract_transf_matrix[3][2]   0.000000 
_atom_sites.fract_transf_matrix[3][3]   1.000000 
_atom_sites.fract_transf_vector[1]      0.00000 
_atom_sites.fract_transf_vector[2]      0.00000 
_atom_sites.fract_transf_vector[3]      0.00000 
# 
_atom_type.symbol   C 
# 
loop_
_atom_site.group_PDB 
_atom_site.id 
_atom_site.type_symbol 
_atom_site.label_atom_id 
_atom_site.label_alt_id 
_atom_site.label_comp_id 
_atom_site.label_asym_id 
_atom_site.label_entity_id 
_atom_site.label_seq_id 
_atom_site.pdbx_PDB_ins_code 
_atom_site.Cartn_x 
_atom_site.Cartn_y 
_atom_site.Cartn_z 
_atom_site.occupancy 
_atom_site.B_iso_or_equiv 
_atom_site.pdbx_formal_charge 
_atom_site.auth_seq_id 
_atom_site.auth_comp_id 
_atom_site.auth_asym_id 
_atom_site.auth_atom_id 
_atom_site.pdbx_PDB_model_num 
ATOM 1   C CA . PHE A 1 1   ? 7.179   -18.944 -6.609  1.00 0.00 ? 19  PHE A CA 1 
ATOM 2   C CA . ASP A 1 2   ? 5.892   -21.007 -3.829  1.00 0.00 ? 20  ASP A CA 1 
ATOM 3   C CA . PHE A 1 3   ? 3.135   -22.702 -5.802  1.00 0.00 ? 21  PHE A CA 1 
ATOM 4   C CA . ALA A 1 4   ? 1.059   -23.017 -2.598  1.00 0.00 ? 22  ALA A CA 1 
ATOM 5   C CA . VAL A 1 5   ? 0.518   -19.256 -2.636  1.00 0.00 ? 23  VAL A CA 1 
ATOM 6   C CA . ILE A 1 6   ? -0.417  -19.035 -6.368  1.00 0.00 ? 24  ILE A CA 1 
ATOM 7   C CA . LYS A 1 7   ? -2.613  -22.073 -5.990  1.00 0.00 ? 25  LYS A CA 1 
ATOM 8   C CA . GLU A 1 8   ? -4.660  -20.669 -3.131  1.00 0.00 ? 26  GLU A CA 1 
ATOM 9   C CA . LEU A 1 9   ? -5.264  -17.435 -4.996  1.00 0.00 ? 27  LEU A CA 1 
ATOM 10  C CA . LYS A 1 10  ? -6.101  -19.554 -8.087  1.00 0.00 ? 28  LYS A CA 1 
ATOM 11  C CA . THR A 1 11  ? -8.614  -21.496 -6.012  1.00 0.00 ? 29  THR A CA 1 
ATOM 12  C CA . ALA A 1 12  ? -10.082 -18.169 -5.011  1.00 0.00 ? 30  ALA A CA 1 
ATOM 13  C CA . ALA A 1 13  ? -9.853  -16.930 -8.584  1.00 0.00 ? 31  ALA A CA 1 
ATOM 14  C CA . SER A 1 14  ? -12.292 -19.541 -9.709  1.00 0.00 ? 32  SER A CA 1 
ATOM 15  C CA . GLN A 1 15  ? -14.752 -19.787 -6.801  1.00 0.00 ? 33  GLN A CA 1 
ATOM 16  C CA . TYR A 1 16  ? -14.489 -16.406 -5.305  1.00 0.00 ? 34  TYR A CA 1 
ATOM 17  C CA . GLY A 1 17  ? -13.079 -14.259 -8.030  1.00 0.00 ? 35  GLY A CA 1 
ATOM 18  C CA . ALA A 1 18  ? -11.166 -11.200 -7.046  1.00 0.00 ? 36  ALA A CA 1 
ATOM 19  C CA . THR A 1 19  ? -13.553 -9.404  -4.682  1.00 0.00 ? 37  THR A CA 1 
ATOM 20  C CA . ALA A 1 20  ? -14.270 -11.694 -1.765  1.00 0.00 ? 38  ALA A CA 1 
ATOM 21  C CA . PRO A 1 21  ? -12.191 -10.695 1.358   1.00 0.00 ? 39  PRO A CA 1 
ATOM 22  C CA . TYR A 1 22  ? -10.341 -14.013 1.077   1.00 0.00 ? 40  TYR A CA 1 
ATOM 23  C CA . THR A 1 23  ? -8.904  -13.723 -2.481  1.00 0.00 ? 41  THR A CA 1 
ATOM 24  C CA . LEU A 1 24  ? -7.549  -10.211 -2.100  1.00 0.00 ? 42  LEU A CA 1 
ATOM 25  C CA . ALA A 1 25  ? -6.148  -10.914 1.309   1.00 0.00 ? 43  ALA A CA 1 
ATOM 26  C CA . ILE A 1 26  ? -3.956  -13.380 -0.570  1.00 0.00 ? 44  ILE A CA 1 
ATOM 27  C CA . VAL A 1 27  ? -3.191  -10.524 -3.041  1.00 0.00 ? 45  VAL A CA 1 
ATOM 28  C CA . GLU A 1 28  ? -2.151  -8.391  -0.037  1.00 0.00 ? 46  GLU A CA 1 
ATOM 29  C CA . SER A 1 29  ? -0.038  -11.270 1.153   1.00 0.00 ? 47  SER A CA 1 
ATOM 30  C CA . VAL A 1 30  ? 1.879   -11.446 -2.143  1.00 0.00 ? 48  VAL A CA 1 
ATOM 31  C CA . ALA A 1 31  ? 2.499   -7.759  -1.808  1.00 0.00 ? 49  ALA A CA 1 
ATOM 32  C CA . ASP A 1 32  ? 3.622   -8.300  1.778   1.00 0.00 ? 50  ASP A CA 1 
ATOM 33  C CA . ASN A 1 33  ? 6.591   -10.149 0.482   1.00 0.00 ? 51  ASN A CA 1 
ATOM 34  C CA . TRP A 1 34  ? 9.284   -9.957  -2.064  1.00 0.00 ? 52  TRP A CA 1 
ATOM 35  C CA . LEU A 1 35  ? 8.230   -10.251 -5.605  1.00 0.00 ? 53  LEU A CA 1 
ATOM 36  C CA . THR A 1 36  ? 9.665   -8.556  -8.658  1.00 0.00 ? 54  THR A CA 1 
ATOM 37  C CA . PRO A 1 37  ? 7.746   -6.854  -11.573 1.00 0.00 ? 55  PRO A CA 1 
ATOM 38  C CA . THR A 1 38  ? 8.384   -9.879  -13.779 1.00 0.00 ? 56  THR A CA 1 
ATOM 39  C CA . ASP A 1 39  ? 6.978   -12.339 -11.245 1.00 0.00 ? 57  ASP A CA 1 
ATOM 40  C CA . TRP A 1 40  ? 4.113   -10.014 -10.326 1.00 0.00 ? 58  TRP A CA 1 
ATOM 41  C CA . ASN A 1 41  ? 3.247   -10.107 -14.098 1.00 0.00 ? 59  ASN A CA 1 
ATOM 42  C CA . THR A 1 42  ? 3.596   -13.851 -14.041 1.00 0.00 ? 60  THR A CA 1 
ATOM 43  C CA . LEU A 1 43  ? 1.427   -14.112 -10.906 1.00 0.00 ? 61  LEU A CA 1 
ATOM 44  C CA . VAL A 1 44  ? -1.665  -12.374 -12.345 1.00 0.00 ? 62  VAL A CA 1 
ATOM 45  C CA . ARG A 1 45  ? -1.402  -14.395 -15.549 1.00 0.00 ? 63  ARG A CA 1 
ATOM 46  C CA . ALA A 1 46  ? -0.772  -17.661 -13.629 1.00 0.00 ? 64  ALA A CA 1 
ATOM 47  C CA . VAL A 1 47  ? -3.447  -17.031 -11.104 1.00 0.00 ? 65  VAL A CA 1 
ATOM 48  C CA . LEU A 1 48  ? -6.556  -15.645 -12.737 1.00 0.00 ? 66  LEU A CA 1 
ATOM 49  C CA . SER A 1 49  ? -7.647  -14.921 -16.303 1.00 0.00 ? 67  SER A CA 1 
ATOM 50  C CA . GLY A 1 50  ? -9.892  -12.215 -17.683 1.00 0.00 ? 68  GLY A CA 1 
ATOM 51  C CA . GLY A 1 51  ? -11.330 -9.918  -15.039 1.00 0.00 ? 69  GLY A CA 1 
ATOM 52  C CA . ASP A 1 52  ? -7.961  -9.654  -13.366 1.00 0.00 ? 70  ASP A CA 1 
ATOM 53  C CA . HIS A 1 53  ? -6.337  -8.358  -16.481 1.00 0.00 ? 71  HIS A CA 1 
ATOM 54  C CA . LEU A 1 54  ? -9.007  -5.788  -17.095 1.00 0.00 ? 72  LEU A CA 1 
ATOM 55  C CA . LEU A 1 55  ? -9.454  -4.452  -13.550 1.00 0.00 ? 73  LEU A CA 1 
ATOM 56  C CA . TRP A 1 56  ? -6.246  -5.366  -11.666 1.00 0.00 ? 74  TRP A CA 1 
ATOM 57  C CA . LYS A 1 57  ? -4.212  -4.755  -14.685 1.00 0.00 ? 75  LYS A CA 1 
ATOM 58  C CA . SER A 1 58  ? -5.671  -1.890  -16.646 1.00 0.00 ? 76  SER A CA 1 
ATOM 59  C CA . GLU A 1 59  ? -5.675  -0.067  -13.337 1.00 0.00 ? 77  GLU A CA 1 
ATOM 60  C CA . PHE A 1 60  ? -2.208  -1.226  -12.504 1.00 0.00 ? 78  PHE A CA 1 
ATOM 61  C CA . PHE A 1 61  ? -0.958  0.647   -15.462 1.00 0.00 ? 79  PHE A CA 1 
ATOM 62  C CA . GLU A 1 62  ? -3.090  3.687   -14.704 1.00 0.00 ? 80  GLU A CA 1 
ATOM 63  C CA . ASN A 1 63  ? -2.263  4.057   -11.015 1.00 0.00 ? 81  ASN A CA 1 
ATOM 64  C CA . CYS A 1 64  ? 1.390   3.209   -11.361 1.00 0.00 ? 82  CYS A CA 1 
ATOM 65  C CA . ARG A 1 65  ? 1.918   5.908   -13.973 1.00 0.00 ? 83  ARG A CA 1 
ATOM 66  C CA . ASP A 1 66  ? -0.247  8.163   -11.788 1.00 0.00 ? 84  ASP A CA 1 
ATOM 67  C CA . THR A 1 67  ? 1.766   7.733   -8.677  1.00 0.00 ? 85  THR A CA 1 
ATOM 68  C CA . ALA A 1 68  ? 4.931   7.801   -10.757 1.00 0.00 ? 86  ALA A CA 1 
ATOM 69  C CA . LYS A 1 69  ? 4.168   11.169  -12.380 1.00 0.00 ? 87  LYS A CA 1 
ATOM 70  C CA . ARG A 1 70  ? 3.520   12.387  -8.857  1.00 0.00 ? 88  ARG A CA 1 
ATOM 71  C CA . ASN A 1 71  ? 6.900   11.006  -7.891  1.00 0.00 ? 89  ASN A CA 1 
ATOM 72  C CA . GLN A 1 72  ? 8.381   12.913  -10.840 1.00 0.00 ? 90  GLN A CA 1 
ATOM 73  C CA . GLN A 1 73  ? 6.703   16.274  -10.108 1.00 0.00 ? 91  GLN A CA 1 
ATOM 74  C CA . ALA A 1 74  ? 7.609   15.957  -6.416  1.00 0.00 ? 92  ALA A CA 1 
ATOM 75  C CA . GLY A 1 75  ? 11.072  14.781  -7.372  1.00 0.00 ? 93  GLY A CA 1 
ATOM 76  C CA . ASN A 1 76  ? 10.896  11.606  -5.331  1.00 0.00 ? 94  ASN A CA 1 
ATOM 77  C CA . GLY A 1 77  ? 13.236  9.984   -7.763  1.00 0.00 ? 95  GLY A CA 1 
ATOM 78  C CA . TRP A 1 78  ? 10.999  6.947   -8.139  1.00 0.00 ? 96  TRP A CA 1 
ATOM 79  C CA . ASP A 1 79  ? 9.905   6.724   -11.665 1.00 0.00 ? 97  ASP A CA 1 
ATOM 80  C CA . PHE A 1 80  ? 7.414   5.000   -13.835 1.00 0.00 ? 98  PHE A CA 1 
ATOM 81  C CA . ASP A 1 81  ? 9.827   2.400   -15.428 1.00 0.00 ? 99  ASP A CA 1 
ATOM 82  C CA . MET A 1 82  ? 10.541  1.013   -11.969 1.00 0.00 ? 100 MET A CA 1 
ATOM 83  C CA . LEU A 1 83  ? 7.234   1.934   -10.350 1.00 0.00 ? 101 LEU A CA 1 
ATOM 84  C CA . THR A 1 84  ? 4.968   0.015   -12.766 1.00 0.00 ? 102 THR A CA 1 
ATOM 85  C CA . GLY A 1 85  ? 7.282   -2.723  -13.647 1.00 0.00 ? 103 GLY A CA 1 
ATOM 86  C CA . SER A 1 86  ? 7.684   -1.783  -17.232 1.00 0.00 ? 104 SER A CA 1 
ATOM 87  C CA . GLY A 1 87  ? 10.357  -0.020  -19.107 1.00 0.00 ? 105 GLY A CA 1 
ATOM 88  C CA . ASN A 1 88  ? 13.946  -0.788  -19.746 1.00 0.00 ? 106 ASN A CA 1 
ATOM 89  C CA . TYR A 1 89  ? 15.290  -2.165  -16.497 1.00 0.00 ? 107 TYR A CA 1 
ATOM 90  C CA . SER A 1 90  ? 12.223  -2.860  -14.511 1.00 0.00 ? 108 SER A CA 1 
ATOM 91  C CA . SER A 1 91  ? 13.100  -6.465  -14.477 1.00 0.00 ? 109 SER A CA 1 
ATOM 92  C CA . THR A 1 92  ? 14.278  -8.409  -11.423 1.00 0.00 ? 110 THR A CA 1 
ATOM 93  C CA . ASP A 1 93  ? 17.136  -5.909  -11.148 1.00 0.00 ? 111 ASP A CA 1 
ATOM 94  C CA . ALA A 1 94  ? 15.615  -2.545  -10.306 1.00 0.00 ? 112 ALA A CA 1 
ATOM 95  C CA . GLN A 1 95  ? 13.059  -3.695  -7.841  1.00 0.00 ? 113 GLN A CA 1 
ATOM 96  C CA . MET A 1 96  ? 15.145  -6.442  -6.138  1.00 0.00 ? 114 MET A CA 1 
ATOM 97  C CA . GLN A 1 97  ? 17.522  -3.683  -5.253  1.00 0.00 ? 115 GLN A CA 1 
ATOM 98  C CA . TYR A 1 98  ? 14.465  -1.579  -4.494  1.00 0.00 ? 116 TYR A CA 1 
ATOM 99  C CA . ASP A 1 99  ? 14.447  1.521   -2.419  1.00 0.00 ? 117 ASP A CA 1 
ATOM 100 C CA . PRO A 1 100 ? 12.134  1.367   0.668   1.00 0.00 ? 118 PRO A CA 1 
ATOM 101 C CA . GLY A 1 101 ? 9.825   3.836   -1.076  1.00 0.00 ? 119 GLY A CA 1 
ATOM 102 C CA . LEU A 1 102 ? 9.889   2.344   -4.572  1.00 0.00 ? 120 LEU A CA 1 
ATOM 103 C CA . PHE A 1 103 ? 8.854   -1.033  -3.078  1.00 0.00 ? 121 PHE A CA 1 
ATOM 104 C CA . ALA A 1 104 ? 6.225   0.478   -0.748  1.00 0.00 ? 122 ALA A CA 1 
ATOM 105 C CA . GLN A 1 105 ? 4.553   2.253   -3.641  1.00 0.00 ? 123 GLN A CA 1 
ATOM 106 C CA . ILE A 1 106 ? 4.812   -0.687  -6.098  1.00 0.00 ? 124 ILE A CA 1 
ATOM 107 C CA . GLN A 1 107 ? 3.327   -3.296  -3.753  1.00 0.00 ? 125 GLN A CA 1 
ATOM 108 C CA . ALA A 1 108 ? 0.533   -0.949  -2.565  1.00 0.00 ? 126 ALA A CA 1 
ATOM 109 C CA . ALA A 1 109 ? -0.385  0.359   -5.986  1.00 0.00 ? 127 ALA A CA 1 
ATOM 110 C CA . ALA A 1 110 ? -0.331  -3.015  -7.319  1.00 0.00 ? 128 ALA A CA 1 
ATOM 111 C CA . THR A 1 111 ? -2.858  -4.470  -4.822  1.00 0.00 ? 129 THR A CA 1 
ATOM 112 C CA . LYS A 1 112 ? -4.984  -1.341  -5.490  1.00 0.00 ? 130 LYS A CA 1 
ATOM 113 C CA . ALA A 1 113 ? -5.253  -2.589  -8.950  1.00 0.00 ? 131 ALA A CA 1 
ATOM 114 C CA . TRP A 1 114 ? -4.875  -6.368  -8.213  1.00 0.00 ? 132 TRP A CA 1 
ATOM 115 C CA . ARG A 1 115 ? -8.118  -6.616  -6.288  1.00 0.00 ? 133 ARG A CA 1 
ATOM 116 C CA . LYS A 1 116 ? -10.666 -4.845  -8.316  1.00 0.00 ? 134 LYS A CA 1 
ATOM 117 C CA . PHE B 1 1   ? -8.986  18.041  6.907   1.00 0.00 ? 19  PHE B CA 1 
ATOM 118 C CA . ASP B 1 2   ? -12.061 17.922  4.868   1.00 0.00 ? 20  ASP B CA 1 
ATOM 119 C CA . PHE B 1 3   ? -14.419 17.067  7.710   1.00 0.00 ? 21  PHE B CA 1 
ATOM 120 C CA . ALA B 1 4   ? -16.689 15.210  5.245   1.00 0.00 ? 22  ALA B CA 1 
ATOM 121 C CA . VAL B 1 5   ? -14.045 12.499  4.929   1.00 0.00 ? 23  VAL B CA 1 
ATOM 122 C CA . ILE B 1 6   ? -13.410 12.131  8.712   1.00 0.00 ? 24  ILE B CA 1 
ATOM 123 C CA . LYS B 1 7   ? -17.122 12.219  9.337   1.00 0.00 ? 25  LYS B CA 1 
ATOM 124 C CA . GLU B 1 8   ? -17.942 9.381   6.967   1.00 0.00 ? 26  GLU B CA 1 
ATOM 125 C CA . LEU B 1 9   ? -15.260 7.185   8.481   1.00 0.00 ? 27  LEU B CA 1 
ATOM 126 C CA . LYS B 1 10  ? -16.567 8.237   11.935  1.00 0.00 ? 28  LYS B CA 1 
ATOM 127 C CA . THR B 1 11  ? -20.054 7.182   10.881  1.00 0.00 ? 29  THR B CA 1 
ATOM 128 C CA . ALA B 1 12  ? -18.551 3.873   9.876   1.00 0.00 ? 30  ALA B CA 1 
ATOM 129 C CA . ALA B 1 13  ? -16.503 3.772   13.063  1.00 0.00 ? 31  ALA B CA 1 
ATOM 130 C CA . SER B 1 14  ? -19.622 3.610   15.131  1.00 0.00 ? 32  SER B CA 1 
ATOM 131 C CA . GLN B 1 15  ? -21.976 1.449   13.043  1.00 0.00 ? 33  GLN B CA 1 
ATOM 132 C CA . TYR B 1 16  ? -19.583 -0.607  11.098  1.00 0.00 ? 34  TYR B CA 1 
ATOM 133 C CA . GLY B 1 17  ? -16.386 -0.452  13.039  1.00 0.00 ? 35  GLY B CA 1 
ATOM 134 C CA . ALA B 1 18  ? -13.177 -0.954  11.186  1.00 0.00 ? 36  ALA B CA 1 
ATOM 135 C CA . THR B 1 19  ? -13.751 -4.229  9.327   1.00 0.00 ? 37  THR B CA 1 
ATOM 136 C CA . ALA B 1 20  ? -16.718 -3.782  7.036   1.00 0.00 ? 38  ALA B CA 1 
ATOM 137 C CA . PRO B 1 21  ? -15.594 -3.184  3.369   1.00 0.00 ? 39  PRO B CA 1 
ATOM 138 C CA . TYR B 1 22  ? -17.067 0.322   3.584   1.00 0.00 ? 40  TYR B CA 1 
ATOM 139 C CA . THR B 1 23  ? -15.085 1.743   6.558   1.00 0.00 ? 41  THR B CA 1 
ATOM 140 C CA . LEU B 1 24  ? -11.676 0.608   5.369   1.00 0.00 ? 42  LEU B CA 1 
ATOM 141 C CA . ALA B 1 25  ? -12.340 1.676   1.834   1.00 0.00 ? 43  ALA B CA 1 
ATOM 142 C CA . ILE B 1 26  ? -12.530 5.144   3.370   1.00 0.00 ? 44  ILE B CA 1 
ATOM 143 C CA . VAL B 1 27  ? -9.210  4.328   5.150   1.00 0.00 ? 45  VAL B CA 1 
ATOM 144 C CA . GLU B 1 28  ? -7.754  3.439   1.722   1.00 0.00 ? 46  GLU B CA 1 
ATOM 145 C CA . SER B 1 29  ? -9.128  6.688   0.403   1.00 0.00 ? 47  SER B CA 1 
ATOM 146 C CA . VAL B 1 30  ? -7.307  8.732   3.063   1.00 0.00 ? 48  VAL B CA 1 
ATOM 147 C CA . ALA B 1 31  ? -4.164  6.923   2.089   1.00 0.00 ? 49  ALA B CA 1 
ATOM 148 C CA . ASP B 1 32  ? -4.905  7.653   -1.561  1.00 0.00 ? 50  ASP B CA 1 
ATOM 149 C CA . ASN B 1 33  ? -4.330  11.271  -0.871  1.00 0.00 ? 51  ASN B CA 1 
ATOM 150 C CA . TRP B 1 34  ? -1.981  13.597  0.817   1.00 0.00 ? 52  TRP B CA 1 
ATOM 151 C CA . LEU B 1 35  ? -1.866  13.426  4.517   1.00 0.00 ? 53  LEU B CA 1 
ATOM 152 C CA . THR B 1 36  ? 1.081   13.921  6.824   1.00 0.00 ? 54  THR B CA 1 
ATOM 153 C CA . PRO B 1 37  ? 2.102   11.772  9.895   1.00 0.00 ? 55  PRO B CA 1 
ATOM 154 C CA . THR B 1 38  ? 0.684   14.411  12.232  1.00 0.00 ? 56  THR B CA 1 
ATOM 155 C CA . ASP B 1 39  ? -2.705  14.475  10.513  1.00 0.00 ? 57  ASP B CA 1 
ATOM 156 C CA . TRP B 1 40  ? -2.751  10.695  10.091  1.00 0.00 ? 58  TRP B CA 1 
ATOM 157 C CA . ASN B 1 41  ? -2.308  10.579  13.935  1.00 0.00 ? 59  ASN B CA 1 
ATOM 158 C CA . THR B 1 42  ? -5.053  13.128  14.283  1.00 0.00 ? 60  THR B CA 1 
ATOM 159 C CA . LEU B 1 43  ? -7.314  11.174  11.901  1.00 0.00 ? 61  LEU B CA 1 
ATOM 160 C CA . VAL B 1 44  ? -7.321  7.891   13.870  1.00 0.00 ? 62  VAL B CA 1 
ATOM 161 C CA . ARG B 1 45  ? -7.899  9.757   17.127  1.00 0.00 ? 63  ARG B CA 1 
ATOM 162 C CA . ALA B 1 46  ? -10.605 11.984  15.556  1.00 0.00 ? 64  ALA B CA 1 
ATOM 163 C CA . VAL B 1 47  ? -12.295 9.174   13.775  1.00 0.00 ? 65  VAL B CA 1 
ATOM 164 C CA . LEU B 1 48  ? -12.534 6.119   15.980  1.00 0.00 ? 66  LEU B CA 1 
ATOM 165 C CA . SER B 1 49  ? -11.637 5.301   19.579  1.00 0.00 ? 67  SER B CA 1 
ATOM 166 C CA . GLY B 1 50  ? -10.422 2.080   21.137  1.00 0.00 ? 68  GLY B CA 1 
ATOM 167 C CA . GLY B 1 51  ? -10.142 -0.797  18.691  1.00 0.00 ? 69  GLY B CA 1 
ATOM 168 C CA . ASP B 1 52  ? -8.479  1.450   16.161  1.00 0.00 ? 70  ASP B CA 1 
ATOM 169 C CA . HIS B 1 53  ? -5.721  2.345   18.533  1.00 0.00 ? 71  HIS B CA 1 
ATOM 170 C CA . LEU B 1 54  ? -5.058  -1.228  19.490  1.00 0.00 ? 72  LEU B CA 1 
ATOM 171 C CA . LEU B 1 55  ? -5.208  -2.864  16.048  1.00 0.00 ? 73  LEU B CA 1 
ATOM 172 C CA . TRP B 1 56  ? -4.612  -0.053  13.515  1.00 0.00 ? 74  TRP B CA 1 
ATOM 173 C CA . LYS B 1 57  ? -2.183  1.569   15.774  1.00 0.00 ? 75  LYS B CA 1 
ATOM 174 C CA . SER B 1 58  ? -0.248  -1.058  17.656  1.00 0.00 ? 76  SER B CA 1 
ATOM 175 C CA . GLU B 1 59  ? 0.295   -2.615  14.258  1.00 0.00 ? 77  GLU B CA 1 
ATOM 176 C CA . PHE B 1 60  ? 1.125   0.689   12.691  1.00 0.00 ? 78  PHE B CA 1 
ATOM 177 C CA . PHE B 1 61  ? 4.082   0.918   14.935  1.00 0.00 ? 79  PHE B CA 1 
ATOM 178 C CA . GLU B 1 62  ? 5.051   -2.704  14.378  1.00 0.00 ? 80  GLU B CA 1 
ATOM 179 C CA . ASN B 1 63  ? 4.827   -2.775  10.586  1.00 0.00 ? 81  ASN B CA 1 
ATOM 180 C CA . CYS B 1 64  ? 6.318   0.642   10.056  1.00 0.00 ? 82  CYS B CA 1 
ATOM 181 C CA . ARG B 1 65  ? 9.420   -0.243  12.052  1.00 0.00 ? 83  ARG B CA 1 
ATOM 182 C CA . ASP B 1 66  ? 9.379   -3.601  10.244  1.00 0.00 ? 84  ASP B CA 1 
ATOM 183 C CA . THR B 1 67  ? 9.353   -2.181  6.794   1.00 0.00 ? 85  THR B CA 1 
ATOM 184 C CA . ALA B 1 68  ? 11.746  0.525   7.928   1.00 0.00 ? 86  ALA B CA 1 
ATOM 185 C CA . LYS B 1 69  ? 14.378  -1.907  9.236   1.00 0.00 ? 87  LYS B CA 1 
ATOM 186 C CA . ARG B 1 70  ? 14.027  -3.626  5.883   1.00 0.00 ? 88  ARG B CA 1 
ATOM 187 C CA . ASN B 1 71  ? 14.600  -0.272  4.244   1.00 0.00 ? 89  ASN B CA 1 
ATOM 188 C CA . GLN B 1 72  ? 17.710  0.114   6.411   1.00 0.00 ? 90  GLN B CA 1 
ATOM 189 C CA . GLN B 1 73  ? 19.194  -3.344  5.717   1.00 0.00 ? 91  GLN B CA 1 
ATOM 190 C CA . ALA B 1 74  ? 18.477  -2.936  1.992   1.00 0.00 ? 92  ALA B CA 1 
ATOM 191 C CA . GLY B 1 75  ? 19.768  0.613   2.137   1.00 0.00 ? 93  GLY B CA 1 
ATOM 192 C CA . ASN B 1 76  ? 16.645  2.140   0.655   1.00 0.00 ? 94  ASN B CA 1 
ATOM 193 C CA . GLY B 1 77  ? 17.345  5.283   2.569   1.00 0.00 ? 95  GLY B CA 1 
ATOM 194 C CA . TRP B 1 78  ? 13.809  5.439   3.925   1.00 0.00 ? 96  TRP B CA 1 
ATOM 195 C CA . ASP B 1 79  ? 13.954  5.189   7.613   1.00 0.00 ? 97  ASP B CA 1 
ATOM 196 C CA . PHE B 1 80  ? 11.778  4.586   10.576  1.00 0.00 ? 98  PHE B CA 1 
ATOM 197 C CA . ASP B 1 81  ? 11.532  8.269   11.799  1.00 0.00 ? 99  ASP B CA 1 
ATOM 198 C CA . MET B 1 82  ? 9.932   9.211   8.487   1.00 0.00 ? 100 MET B CA 1 
ATOM 199 C CA . LEU B 1 83  ? 8.355   5.849   7.704   1.00 0.00 ? 101 LEU B CA 1 
ATOM 200 C CA . THR B 1 84  ? 6.217   5.573   10.867  1.00 0.00 ? 102 THR B CA 1 
ATOM 201 C CA . GLY B 1 85  ? 5.620   9.167   11.453  1.00 0.00 ? 103 GLY B CA 1 
ATOM 202 C CA . SER B 1 86  ? 7.533   9.388   14.644  1.00 0.00 ? 104 SER B CA 1 
ATOM 203 C CA . GLY B 1 87  ? 10.918  10.651  15.488  1.00 0.00 ? 105 GLY B CA 1 
ATOM 204 C CA . ASN B 1 88  ? 12.513  14.007  15.246  1.00 0.00 ? 106 ASN B CA 1 
ATOM 205 C CA . TYR B 1 89  ? 11.333  15.464  11.967  1.00 0.00 ? 107 TYR B CA 1 
ATOM 206 C CA . SER B 1 90  ? 8.530   13.225  10.981  1.00 0.00 ? 108 SER B CA 1 
ATOM 207 C CA . SER B 1 91  ? 6.200   16.106  11.191  1.00 0.00 ? 109 SER B CA 1 
ATOM 208 C CA . THR B 1 92  ? 4.536   17.804  8.217   1.00 0.00 ? 110 THR B CA 1 
ATOM 209 C CA . ASP B 1 93  ? 8.030   18.475  6.864   1.00 0.00 ? 111 ASP B CA 1 
ATOM 210 C CA . ALA B 1 94  ? 9.575   15.122  6.019   1.00 0.00 ? 112 ALA B CA 1 
ATOM 211 C CA . GLN B 1 95  ? 6.579   13.498  4.499   1.00 0.00 ? 113 GLN B CA 1 
ATOM 212 C CA . MET B 1 96  ? 5.157   16.577  2.680   1.00 0.00 ? 114 MET B CA 1 
ATOM 213 C CA . GLN B 1 97  ? 8.420   16.630  0.838   1.00 0.00 ? 115 GLN B CA 1 
ATOM 214 C CA . TYR B 1 98  ? 8.136   12.859  0.649   1.00 0.00 ? 116 TYR B CA 1 
ATOM 215 C CA . ASP B 1 99  ? 9.996   10.678  -1.737  1.00 0.00 ? 117 ASP B CA 1 
ATOM 216 C CA . PRO B 1 100 ? 7.749   8.552   -4.048  1.00 0.00 ? 118 PRO B CA 1 
ATOM 217 C CA . GLY B 1 101 ? 8.838   5.475   -2.094  1.00 0.00 ? 119 GLY B CA 1 
ATOM 218 C CA . LEU B 1 102 ? 8.638   6.902   1.425   1.00 0.00 ? 120 LEU B CA 1 
ATOM 219 C CA . PHE B 1 103 ? 5.018   7.954   0.719   1.00 0.00 ? 121 PHE B CA 1 
ATOM 220 C CA . ALA B 1 104 ? 4.094   4.667   -1.003  1.00 0.00 ? 122 ALA B CA 1 
ATOM 221 C CA . GLN B 1 105 ? 5.307   2.665   1.969   1.00 0.00 ? 123 GLN B CA 1 
ATOM 222 C CA . ILE B 1 106 ? 3.809   4.988   4.634   1.00 0.00 ? 124 ILE B CA 1 
ATOM 223 C CA . GLN B 1 107 ? 0.308   5.107   3.137   1.00 0.00 ? 125 GLN B CA 1 
ATOM 224 C CA . ALA B 1 108 ? 0.248   1.334   2.434   1.00 0.00 ? 126 ALA B CA 1 
ATOM 225 C CA . ALA B 1 109 ? 1.662   0.276   5.774   1.00 0.00 ? 127 ALA B CA 1 
ATOM 226 C CA . ALA B 1 110 ? -0.590  2.554   7.478   1.00 0.00 ? 128 ALA B CA 1 
ATOM 227 C CA . THR B 1 111 ? -3.818  1.133   5.959   1.00 0.00 ? 129 THR B CA 1 
ATOM 228 C CA . LYS B 1 112 ? -2.396  -2.345  6.751   1.00 0.00 ? 130 LYS B CA 1 
ATOM 229 C CA . ALA B 1 113 ? -2.604  -1.332  10.289  1.00 0.00 ? 131 ALA B CA 1 
ATOM 230 C CA . TRP B 1 114 ? -5.540  1.169   9.985   1.00 0.00 ? 132 TRP B CA 1 
ATOM 231 C CA . ARG B 1 115 ? -8.074  -1.470  9.044   1.00 0.00 ? 133 ARG B CA 1 
ATOM 232 C CA . LYS B 1 116 ? -7.591  -4.269  11.425  1.00 0.00 ? 134 LYS B CA 1 
# 
